data_8XDE
#
_entry.id   8XDE
#
_cell.length_a   1.00
_cell.length_b   1.00
_cell.length_c   1.00
_cell.angle_alpha   90.00
_cell.angle_beta   90.00
_cell.angle_gamma   90.00
#
_symmetry.space_group_name_H-M   'P 1'
#
_entity_poly.entity_id   1
_entity_poly.type   'polypeptide(L)'
_entity_poly.pdbx_seq_one_letter_code
;MSDPHSSPLLPEPLSSRYKLYEAEFTSPSWPSTSPDTHPALPLLEMPEEKDLRSSNEDSHIVKIEKLNERSKRKDDGVAH
RDSAGQRCICLSKAVGYLTGDMKEYRIWLKDKHLALQFIDWVLRGTAQVMFINNPLSGLIIFIGLLIQNPWWTITGGLGT
VVSTLTALALGQDRSAIASGLHGYNGMLVGLLMAVFSEKLDYYWWLLFPVTFTAMSCPVLSSALNSIFSKWDLPVFTLPF
NIAVTLYLAATGHYNLFFPTTLVEPVSSVPNITWTEMEMPLLLQAIPVGVGQVYGCDNPWTGGVFLVALFISSPLICLHA
AIGSIVGLLAALSVATPFETIYTGLWSYNCVLSCIAIGGMFYALTWQTHLLALICALFCAYMEAAISNIMSVVGVPPGTW
AFCLATIIFLLLTTNNPAIFRLPLSKVTYPEANRIYYLTVKSGEEEKAPSG
;
_entity_poly.pdbx_strand_id   A,B,C
#
# COMPACT_ATOMS: atom_id res chain seq x y z
N GLY A 96 40.54 3.86 19.80
CA GLY A 96 40.96 3.24 18.55
C GLY A 96 40.27 1.93 18.29
N TYR A 97 40.34 1.02 19.25
CA TYR A 97 39.66 -0.26 19.16
C TYR A 97 38.18 -0.16 19.47
N LEU A 98 37.71 1.00 19.94
CA LEU A 98 36.32 1.19 20.35
C LEU A 98 35.48 1.90 19.31
N THR A 99 36.10 2.63 18.38
CA THR A 99 35.37 3.39 17.39
C THR A 99 35.00 2.51 16.20
N GLY A 100 34.36 3.13 15.20
CA GLY A 100 33.97 2.39 14.02
C GLY A 100 32.98 1.30 14.36
N ASP A 101 33.19 0.12 13.80
CA ASP A 101 32.34 -1.04 14.08
C ASP A 101 33.07 -2.11 14.89
N MET A 102 34.22 -1.78 15.46
CA MET A 102 35.00 -2.72 16.27
C MET A 102 35.31 -4.01 15.49
N LYS A 103 35.98 -3.84 14.35
CA LYS A 103 36.35 -4.99 13.54
C LYS A 103 37.34 -5.90 14.26
N GLU A 104 38.30 -5.31 14.97
CA GLU A 104 39.27 -6.12 15.71
C GLU A 104 38.59 -6.95 16.79
N TYR A 105 37.64 -6.35 17.50
CA TYR A 105 36.90 -7.09 18.51
C TYR A 105 36.07 -8.20 17.89
N ARG A 106 35.47 -7.94 16.72
CA ARG A 106 34.71 -8.99 16.03
C ARG A 106 35.62 -10.15 15.65
N ILE A 107 36.81 -9.85 15.14
CA ILE A 107 37.76 -10.90 14.78
C ILE A 107 38.17 -11.69 16.02
N TRP A 108 38.48 -10.99 17.10
CA TRP A 108 38.91 -11.65 18.34
C TRP A 108 37.79 -12.46 18.99
N LEU A 109 36.53 -12.11 18.73
CA LEU A 109 35.42 -12.83 19.34
C LEU A 109 34.86 -13.93 18.44
N LYS A 110 35.20 -13.95 17.16
CA LYS A 110 34.68 -14.98 16.26
C LYS A 110 35.15 -16.38 16.65
N ASP A 111 36.06 -16.47 17.62
CA ASP A 111 36.55 -17.77 18.09
C ASP A 111 36.34 -17.99 19.58
N LYS A 112 35.50 -17.18 20.24
CA LYS A 112 35.17 -17.37 21.65
C LYS A 112 33.93 -18.26 21.79
N HIS A 113 33.40 -18.32 23.01
CA HIS A 113 32.22 -19.11 23.30
C HIS A 113 31.00 -18.56 22.57
N LEU A 114 30.04 -19.44 22.28
CA LEU A 114 28.84 -19.03 21.59
C LEU A 114 28.01 -18.05 22.40
N ALA A 115 28.03 -18.16 23.73
CA ALA A 115 27.27 -17.23 24.55
C ALA A 115 27.80 -15.81 24.43
N LEU A 116 29.13 -15.65 24.44
CA LEU A 116 29.72 -14.32 24.27
C LEU A 116 29.40 -13.76 22.89
N GLN A 117 29.45 -14.60 21.87
CA GLN A 117 29.09 -14.16 20.52
C GLN A 117 27.65 -13.73 20.46
N PHE A 118 26.75 -14.47 21.12
CA PHE A 118 25.34 -14.08 21.12
C PHE A 118 25.13 -12.76 21.84
N ILE A 119 25.83 -12.56 22.96
CA ILE A 119 25.72 -11.29 23.68
C ILE A 119 26.20 -10.15 22.80
N ASP A 120 27.29 -10.38 22.06
CA ASP A 120 27.78 -9.36 21.12
C ASP A 120 26.75 -9.08 20.04
N TRP A 121 26.13 -10.11 19.49
CA TRP A 121 25.11 -9.90 18.47
C TRP A 121 23.93 -9.11 19.03
N VAL A 122 23.55 -9.39 20.28
CA VAL A 122 22.44 -8.66 20.88
C VAL A 122 22.80 -7.19 21.08
N LEU A 123 24.02 -6.91 21.55
CA LEU A 123 24.44 -5.53 21.72
C LEU A 123 24.52 -4.80 20.39
N ARG A 124 25.03 -5.47 19.35
CA ARG A 124 25.09 -4.85 18.04
C ARG A 124 23.69 -4.61 17.48
N GLY A 125 22.77 -5.53 17.73
CA GLY A 125 21.38 -5.32 17.33
C GLY A 125 20.76 -4.14 18.05
N THR A 126 21.08 -3.98 19.33
CA THR A 126 20.61 -2.81 20.07
C THR A 126 21.14 -1.53 19.42
N ALA A 127 22.42 -1.52 19.05
CA ALA A 127 23.00 -0.31 18.49
C ALA A 127 22.52 -0.05 17.06
N GLN A 128 22.13 -1.09 16.33
CA GLN A 128 21.79 -0.94 14.92
C GLN A 128 20.47 -0.23 14.69
N VAL A 129 19.72 0.08 15.74
CA VAL A 129 18.52 0.90 15.57
C VAL A 129 18.89 2.24 14.96
N MET A 130 20.03 2.81 15.38
CA MET A 130 20.55 4.04 14.83
C MET A 130 21.72 3.81 13.88
N PHE A 131 21.68 2.70 13.14
CA PHE A 131 22.66 2.37 12.10
C PHE A 131 24.07 2.18 12.62
N ILE A 132 24.21 1.84 13.90
CA ILE A 132 25.51 1.68 14.54
C ILE A 132 25.78 0.19 14.71
N ASN A 133 26.86 -0.29 14.11
CA ASN A 133 27.30 -1.68 14.29
C ASN A 133 28.42 -1.76 15.31
N ASN A 134 28.11 -1.38 16.54
CA ASN A 134 29.11 -1.29 17.59
C ASN A 134 28.55 -1.86 18.88
N PRO A 135 29.22 -2.85 19.48
CA PRO A 135 28.68 -3.42 20.74
C PRO A 135 28.82 -2.50 21.94
N LEU A 136 29.88 -1.69 22.00
CA LEU A 136 30.00 -0.72 23.08
C LEU A 136 28.90 0.33 23.01
N SER A 137 28.57 0.76 21.79
CA SER A 137 27.44 1.67 21.61
C SER A 137 26.14 1.01 22.04
N GLY A 138 25.98 -0.28 21.75
CA GLY A 138 24.81 -1.00 22.21
C GLY A 138 24.72 -1.07 23.72
N LEU A 139 25.86 -1.28 24.38
CA LEU A 139 25.87 -1.29 25.85
C LEU A 139 25.50 0.08 26.40
N ILE A 140 26.02 1.14 25.80
CA ILE A 140 25.68 2.49 26.26
C ILE A 140 24.21 2.77 26.04
N ILE A 141 23.65 2.29 24.93
CA ILE A 141 22.23 2.47 24.67
C ILE A 141 21.40 1.68 25.69
N PHE A 142 21.86 0.50 26.08
CA PHE A 142 21.19 -0.26 27.12
C PHE A 142 21.22 0.48 28.45
N ILE A 143 22.34 1.14 28.76
CA ILE A 143 22.40 1.95 29.97
C ILE A 143 21.40 3.10 29.90
N GLY A 144 21.32 3.75 28.73
CA GLY A 144 20.35 4.83 28.57
C GLY A 144 18.91 4.35 28.74
N LEU A 145 18.61 3.18 28.19
CA LEU A 145 17.27 2.61 28.35
C LEU A 145 16.98 2.27 29.80
N LEU A 146 17.97 1.75 30.52
CA LEU A 146 17.79 1.51 31.95
C LEU A 146 17.52 2.81 32.69
N ILE A 147 18.17 3.91 32.26
CA ILE A 147 17.88 5.21 32.84
C ILE A 147 16.43 5.60 32.57
N GLN A 148 15.96 5.40 31.34
CA GLN A 148 14.58 5.70 31.00
C GLN A 148 13.60 4.83 31.76
N ASN A 149 13.61 3.52 31.50
CA ASN A 149 12.67 2.60 32.12
C ASN A 149 13.23 1.18 32.10
N PRO A 150 13.52 0.61 33.26
CA PRO A 150 14.01 -0.79 33.29
C PRO A 150 13.03 -1.79 32.70
N TRP A 151 11.72 -1.56 32.85
CA TRP A 151 10.75 -2.47 32.24
C TRP A 151 10.81 -2.41 30.72
N TRP A 152 10.94 -1.21 30.16
CA TRP A 152 11.13 -1.09 28.72
C TRP A 152 12.44 -1.74 28.30
N THR A 153 13.47 -1.64 29.13
CA THR A 153 14.72 -2.35 28.86
C THR A 153 14.51 -3.85 28.79
N ILE A 154 13.73 -4.39 29.73
CA ILE A 154 13.46 -5.83 29.73
C ILE A 154 12.74 -6.24 28.46
N THR A 155 11.69 -5.49 28.10
CA THR A 155 10.92 -5.85 26.91
C THR A 155 11.75 -5.73 25.65
N GLY A 156 12.54 -4.66 25.52
CA GLY A 156 13.37 -4.50 24.35
C GLY A 156 14.48 -5.53 24.26
N GLY A 157 15.13 -5.85 25.38
CA GLY A 157 16.12 -6.90 25.38
C GLY A 157 15.56 -8.24 25.02
N LEU A 158 14.37 -8.57 25.54
CA LEU A 158 13.72 -9.82 25.16
C LEU A 158 13.38 -9.82 23.68
N GLY A 159 12.91 -8.69 23.15
CA GLY A 159 12.64 -8.62 21.72
C GLY A 159 13.88 -8.84 20.88
N THR A 160 15.00 -8.23 21.28
CA THR A 160 16.26 -8.43 20.56
C THR A 160 16.70 -9.88 20.61
N VAL A 161 16.64 -10.49 21.79
CA VAL A 161 17.07 -11.87 21.94
C VAL A 161 16.20 -12.79 21.10
N VAL A 162 14.89 -12.59 21.15
CA VAL A 162 13.97 -13.45 20.41
C VAL A 162 14.16 -13.27 18.92
N SER A 163 14.34 -12.03 18.46
CA SER A 163 14.55 -11.79 17.04
C SER A 163 15.84 -12.44 16.55
N THR A 164 16.92 -12.31 17.32
CA THR A 164 18.18 -12.94 16.93
C THR A 164 18.06 -14.46 16.92
N LEU A 165 17.40 -15.02 17.92
CA LEU A 165 17.25 -16.48 17.98
C LEU A 165 16.38 -16.98 16.83
N THR A 166 15.33 -16.24 16.48
CA THR A 166 14.49 -16.64 15.35
C THR A 166 15.25 -16.54 14.05
N ALA A 167 16.09 -15.52 13.88
CA ALA A 167 16.91 -15.41 12.69
C ALA A 167 17.88 -16.59 12.59
N LEU A 168 18.47 -16.98 13.73
CA LEU A 168 19.34 -18.16 13.74
C LEU A 168 18.57 -19.41 13.37
N ALA A 169 17.38 -19.59 13.94
CA ALA A 169 16.60 -20.80 13.68
C ALA A 169 16.11 -20.87 12.25
N LEU A 170 15.87 -19.72 11.62
CA LEU A 170 15.42 -19.67 10.24
C LEU A 170 16.57 -19.69 9.24
N GLY A 171 17.79 -19.88 9.71
CA GLY A 171 18.93 -19.98 8.82
C GLY A 171 19.19 -18.72 8.02
N GLN A 172 19.10 -17.57 8.65
CA GLN A 172 19.41 -16.32 7.97
C GLN A 172 20.93 -16.17 7.85
N ASP A 173 21.35 -15.18 7.07
CA ASP A 173 22.76 -14.96 6.82
C ASP A 173 23.49 -14.70 8.12
N ARG A 174 24.47 -15.57 8.44
CA ARG A 174 25.19 -15.45 9.69
C ARG A 174 25.94 -14.13 9.79
N SER A 175 26.42 -13.61 8.67
CA SER A 175 27.08 -12.31 8.68
C SER A 175 26.12 -11.20 9.08
N ALA A 176 24.88 -11.26 8.58
CA ALA A 176 23.88 -10.27 8.96
C ALA A 176 23.51 -10.40 10.43
N ILE A 177 23.38 -11.62 10.93
CA ILE A 177 23.04 -11.83 12.34
C ILE A 177 24.15 -11.31 13.22
N ALA A 178 25.41 -11.59 12.86
CA ALA A 178 26.53 -11.18 13.69
C ALA A 178 26.73 -9.67 13.72
N SER A 179 26.18 -8.94 12.75
CA SER A 179 26.27 -7.49 12.74
C SER A 179 25.06 -6.84 13.38
N GLY A 180 24.14 -7.62 13.95
CA GLY A 180 22.98 -7.08 14.60
C GLY A 180 21.87 -6.64 13.69
N LEU A 181 21.91 -7.04 12.42
CA LEU A 181 20.89 -6.62 11.48
C LEU A 181 19.58 -7.39 11.63
N HIS A 182 19.53 -8.38 12.52
CA HIS A 182 18.31 -9.13 12.78
C HIS A 182 17.84 -8.98 14.22
N GLY A 183 18.34 -7.99 14.95
CA GLY A 183 17.97 -7.83 16.33
C GLY A 183 17.37 -6.48 16.65
N TYR A 184 17.61 -5.49 15.80
CA TYR A 184 17.12 -4.15 16.12
C TYR A 184 15.63 -4.00 15.86
N ASN A 185 15.09 -4.71 14.88
CA ASN A 185 13.65 -4.66 14.66
C ASN A 185 12.89 -5.28 15.84
N GLY A 186 13.38 -6.41 16.35
CA GLY A 186 12.79 -6.98 17.54
C GLY A 186 12.98 -6.11 18.77
N MET A 187 14.12 -5.43 18.85
CA MET A 187 14.35 -4.48 19.93
C MET A 187 13.28 -3.39 19.92
N LEU A 188 13.05 -2.79 18.75
CA LEU A 188 12.03 -1.76 18.64
C LEU A 188 10.64 -2.33 18.92
N VAL A 189 10.38 -3.55 18.47
CA VAL A 189 9.08 -4.16 18.73
C VAL A 189 8.83 -4.27 20.22
N GLY A 190 9.78 -4.83 20.96
CA GLY A 190 9.60 -4.95 22.39
C GLY A 190 9.46 -3.60 23.07
N LEU A 191 10.33 -2.66 22.71
CA LEU A 191 10.31 -1.36 23.34
C LEU A 191 8.99 -0.65 23.12
N LEU A 192 8.49 -0.65 21.89
CA LEU A 192 7.28 0.11 21.59
C LEU A 192 5.99 -0.61 21.97
N MET A 193 5.98 -1.94 22.11
CA MET A 193 4.82 -2.54 22.74
C MET A 193 4.84 -2.36 24.25
N ALA A 194 6.01 -2.12 24.84
CA ALA A 194 6.02 -1.71 26.24
C ALA A 194 5.57 -0.25 26.38
N VAL A 195 6.00 0.61 25.47
CA VAL A 195 5.69 2.04 25.56
C VAL A 195 4.19 2.27 25.40
N PHE A 196 3.57 1.62 24.43
CA PHE A 196 2.17 1.85 24.10
C PHE A 196 1.25 0.83 24.76
N SER A 197 1.61 0.36 25.95
CA SER A 197 0.76 -0.53 26.72
C SER A 197 0.03 0.28 27.79
N GLU A 198 -1.29 0.11 27.84
CA GLU A 198 -2.07 0.82 28.84
C GLU A 198 -1.93 0.19 30.22
N LYS A 199 -1.34 -1.00 30.31
CA LYS A 199 -1.08 -1.61 31.60
C LYS A 199 0.13 -0.95 32.26
N LEU A 200 0.33 -1.29 33.53
CA LEU A 200 1.42 -0.68 34.29
C LEU A 200 2.74 -1.34 33.91
N ASP A 201 3.82 -0.86 34.54
CA ASP A 201 5.12 -1.47 34.33
C ASP A 201 5.18 -2.86 34.94
N TYR A 202 6.07 -3.69 34.40
CA TYR A 202 6.27 -5.06 34.86
C TYR A 202 4.97 -5.86 34.78
N TYR A 203 4.22 -5.64 33.71
CA TYR A 203 3.08 -6.48 33.35
C TYR A 203 3.64 -7.65 32.57
N TRP A 204 4.04 -8.70 33.30
CA TRP A 204 4.84 -9.77 32.73
C TRP A 204 4.12 -10.47 31.58
N TRP A 205 2.79 -10.46 31.59
CA TRP A 205 2.05 -11.12 30.52
C TRP A 205 2.33 -10.49 29.17
N LEU A 206 2.71 -9.21 29.16
CA LEU A 206 3.08 -8.54 27.91
C LEU A 206 4.26 -9.21 27.23
N LEU A 207 5.06 -9.98 27.97
CA LEU A 207 6.15 -10.71 27.34
C LEU A 207 5.65 -11.79 26.39
N PHE A 208 4.44 -12.31 26.61
CA PHE A 208 3.90 -13.31 25.68
C PHE A 208 3.67 -12.73 24.30
N PRO A 209 2.95 -11.61 24.12
CA PRO A 209 2.87 -11.05 22.77
C PRO A 209 4.20 -10.57 22.24
N VAL A 210 5.02 -9.90 23.07
CA VAL A 210 6.29 -9.34 22.60
C VAL A 210 7.08 -10.40 21.84
N THR A 211 7.41 -11.50 22.52
CA THR A 211 8.10 -12.63 21.93
C THR A 211 7.51 -12.97 20.56
N PHE A 212 6.19 -13.18 20.53
CA PHE A 212 5.54 -13.59 19.29
C PHE A 212 5.81 -12.58 18.18
N THR A 213 5.56 -11.29 18.42
CA THR A 213 5.77 -10.37 17.32
C THR A 213 7.23 -9.99 17.17
N ALA A 214 8.10 -10.43 18.08
CA ALA A 214 9.53 -10.37 17.81
C ALA A 214 9.97 -11.54 16.95
N MET A 215 9.22 -12.64 16.92
CA MET A 215 9.54 -13.74 16.04
C MET A 215 9.19 -13.44 14.59
N SER A 216 8.24 -12.54 14.36
CA SER A 216 7.85 -12.18 13.00
C SER A 216 8.83 -11.22 12.35
N CYS A 217 9.65 -10.54 13.14
CA CYS A 217 10.60 -9.57 12.57
C CYS A 217 11.61 -10.20 11.63
N PRO A 218 12.24 -11.33 11.94
CA PRO A 218 13.11 -11.95 10.93
C PRO A 218 12.35 -12.36 9.68
N VAL A 219 11.24 -13.08 9.84
CA VAL A 219 10.42 -13.51 8.71
C VAL A 219 10.16 -12.32 7.79
N LEU A 220 9.54 -11.28 8.34
CA LEU A 220 9.24 -10.08 7.56
C LEU A 220 10.49 -9.58 6.84
N SER A 221 11.60 -9.45 7.58
CA SER A 221 12.83 -8.99 6.97
C SER A 221 13.17 -9.83 5.76
N SER A 222 13.20 -11.16 5.95
CA SER A 222 13.50 -12.05 4.84
C SER A 222 12.57 -11.76 3.67
N ALA A 223 11.26 -11.73 3.93
CA ALA A 223 10.31 -11.49 2.86
C ALA A 223 10.61 -10.18 2.17
N LEU A 224 10.83 -9.12 2.97
CA LEU A 224 11.08 -7.82 2.37
C LEU A 224 12.40 -7.83 1.62
N ASN A 225 13.39 -8.57 2.13
CA ASN A 225 14.66 -8.65 1.43
C ASN A 225 14.52 -9.38 0.11
N SER A 226 13.49 -10.19 -0.06
CA SER A 226 13.28 -10.82 -1.36
C SER A 226 12.91 -9.79 -2.42
N ILE A 227 12.34 -8.66 -2.00
CA ILE A 227 11.96 -7.60 -2.91
C ILE A 227 13.02 -6.51 -2.97
N PHE A 228 13.39 -5.97 -1.80
CA PHE A 228 14.23 -4.79 -1.76
C PHE A 228 15.62 -5.05 -2.30
N SER A 229 16.12 -6.28 -2.18
CA SER A 229 17.42 -6.60 -2.73
C SER A 229 17.45 -6.45 -4.24
N LYS A 230 16.30 -6.55 -4.90
CA LYS A 230 16.25 -6.34 -6.33
C LYS A 230 16.46 -4.88 -6.71
N TRP A 231 16.37 -3.97 -5.73
CA TRP A 231 16.73 -2.57 -5.91
C TRP A 231 17.91 -2.16 -5.04
N ASP A 232 18.58 -3.13 -4.42
CA ASP A 232 19.73 -2.86 -3.53
C ASP A 232 19.33 -1.91 -2.40
N LEU A 233 18.15 -2.11 -1.84
CA LEU A 233 17.64 -1.29 -0.76
C LEU A 233 17.68 -2.04 0.57
N PRO A 234 17.91 -1.35 1.67
CA PRO A 234 17.78 -1.97 2.99
C PRO A 234 16.33 -2.00 3.44
N VAL A 235 16.05 -2.91 4.37
CA VAL A 235 14.77 -2.92 5.06
C VAL A 235 14.91 -2.19 6.40
N PHE A 236 14.69 -0.88 6.40
CA PHE A 236 15.18 -0.01 7.46
C PHE A 236 14.54 -0.42 8.78
N THR A 237 13.24 -0.18 8.95
CA THR A 237 12.47 -0.62 10.09
C THR A 237 11.09 -1.09 9.65
N LEU A 238 10.93 -1.39 8.36
CA LEU A 238 9.67 -1.92 7.87
C LEU A 238 9.23 -3.20 8.59
N PRO A 239 10.11 -4.15 8.91
CA PRO A 239 9.64 -5.28 9.74
C PRO A 239 9.04 -4.84 11.06
N PHE A 240 9.73 -3.97 11.80
CA PHE A 240 9.18 -3.48 13.06
C PHE A 240 7.90 -2.70 12.84
N ASN A 241 7.86 -1.85 11.82
CA ASN A 241 6.68 -1.03 11.60
C ASN A 241 5.47 -1.89 11.27
N ILE A 242 5.64 -2.85 10.36
CA ILE A 242 4.55 -3.76 10.01
C ILE A 242 4.10 -4.53 11.24
N ALA A 243 5.05 -5.13 11.96
CA ALA A 243 4.70 -5.98 13.09
C ALA A 243 3.99 -5.19 14.18
N VAL A 244 4.52 -4.02 14.54
CA VAL A 244 3.94 -3.26 15.64
C VAL A 244 2.62 -2.62 15.24
N THR A 245 2.49 -2.17 13.98
CA THR A 245 1.20 -1.65 13.54
C THR A 245 0.14 -2.74 13.58
N LEU A 246 0.47 -3.93 13.10
CA LEU A 246 -0.47 -5.03 13.15
C LEU A 246 -0.82 -5.39 14.59
N TYR A 247 0.18 -5.43 15.48
CA TYR A 247 -0.11 -5.77 16.87
C TYR A 247 -1.01 -4.74 17.52
N LEU A 248 -0.70 -3.46 17.35
CA LEU A 248 -1.46 -2.41 18.02
C LEU A 248 -2.84 -2.23 17.42
N ALA A 249 -3.02 -2.59 16.14
CA ALA A 249 -4.36 -2.61 15.58
C ALA A 249 -5.16 -3.82 16.03
N ALA A 250 -4.49 -4.97 16.15
CA ALA A 250 -5.17 -6.19 16.57
C ALA A 250 -5.64 -6.09 18.01
N THR A 251 -4.81 -5.58 18.90
CA THR A 251 -5.22 -5.44 20.29
C THR A 251 -6.08 -4.19 20.49
N GLY A 252 -5.52 -3.03 20.21
CA GLY A 252 -6.26 -1.79 20.35
C GLY A 252 -6.40 -1.35 21.80
N HIS A 253 -7.10 -0.24 21.97
CA HIS A 253 -7.27 0.34 23.30
C HIS A 253 -8.23 -0.46 24.16
N TYR A 254 -9.13 -1.24 23.56
CA TYR A 254 -10.20 -1.91 24.30
C TYR A 254 -9.96 -3.40 24.45
N ASN A 255 -8.73 -3.87 24.22
CA ASN A 255 -8.41 -5.27 24.45
C ASN A 255 -8.42 -5.56 25.94
N LEU A 256 -8.91 -6.75 26.30
CA LEU A 256 -9.00 -7.13 27.70
C LEU A 256 -7.63 -7.52 28.27
N PHE A 257 -6.81 -8.19 27.49
CA PHE A 257 -5.53 -8.69 27.98
C PHE A 257 -4.41 -7.68 27.78
N PHE A 258 -4.30 -7.10 26.59
CA PHE A 258 -3.20 -6.20 26.24
C PHE A 258 -3.77 -4.92 25.66
N PRO A 259 -4.39 -4.08 26.49
CA PRO A 259 -4.89 -2.80 25.99
C PRO A 259 -3.74 -1.85 25.68
N THR A 260 -3.89 -1.10 24.59
CA THR A 260 -2.91 -0.11 24.21
C THR A 260 -3.40 1.29 24.61
N THR A 261 -2.48 2.24 24.60
CA THR A 261 -2.83 3.61 24.92
C THR A 261 -3.75 4.18 23.85
N LEU A 262 -4.60 5.12 24.25
CA LEU A 262 -5.58 5.70 23.35
C LEU A 262 -4.90 6.70 22.43
N VAL A 263 -4.99 6.47 21.12
CA VAL A 263 -4.51 7.39 20.11
C VAL A 263 -5.72 7.90 19.35
N GLU A 264 -5.89 9.22 19.33
CA GLU A 264 -7.07 9.81 18.74
C GLU A 264 -6.67 10.94 17.79
N PRO A 265 -7.46 11.15 16.74
CA PRO A 265 -7.17 12.26 15.83
C PRO A 265 -7.45 13.60 16.46
N VAL A 266 -6.78 14.62 15.95
CA VAL A 266 -6.98 15.99 16.42
C VAL A 266 -8.32 16.48 15.90
N SER A 267 -9.11 17.09 16.78
CA SER A 267 -10.46 17.52 16.45
C SER A 267 -10.71 19.01 16.69
N SER A 268 -9.67 19.78 17.01
CA SER A 268 -9.86 21.21 17.24
C SER A 268 -8.57 21.95 16.93
N VAL A 269 -8.71 23.23 16.64
CA VAL A 269 -7.55 24.06 16.30
C VAL A 269 -6.75 24.35 17.57
N PRO A 270 -5.45 24.08 17.59
CA PRO A 270 -4.66 24.39 18.79
C PRO A 270 -4.57 25.89 19.03
N ASN A 271 -4.44 26.25 20.30
CA ASN A 271 -4.27 27.65 20.70
C ASN A 271 -2.78 27.84 20.97
N ILE A 272 -2.09 28.47 20.03
CA ILE A 272 -0.65 28.67 20.10
C ILE A 272 -0.41 30.16 20.31
N THR A 273 0.11 30.53 21.47
CA THR A 273 0.58 31.88 21.72
C THR A 273 2.10 31.83 21.78
N TRP A 274 2.74 32.53 20.86
CA TRP A 274 4.17 32.34 20.63
C TRP A 274 5.05 32.99 21.69
N THR A 275 4.45 33.57 22.73
CA THR A 275 5.22 34.17 23.83
C THR A 275 5.47 33.20 24.97
N GLU A 276 4.88 32.01 24.95
CA GLU A 276 5.15 31.00 25.96
C GLU A 276 6.12 29.93 25.48
N MET A 277 6.83 30.18 24.39
CA MET A 277 7.91 29.28 23.99
C MET A 277 8.99 29.28 25.06
N GLU A 278 9.40 28.09 25.48
CA GLU A 278 10.45 27.91 26.47
C GLU A 278 11.71 27.46 25.74
N MET A 279 12.67 28.37 25.61
CA MET A 279 13.93 28.01 24.96
C MET A 279 14.63 26.84 25.64
N PRO A 280 14.71 26.75 26.97
CA PRO A 280 15.29 25.53 27.56
C PRO A 280 14.60 24.25 27.12
N LEU A 281 13.27 24.24 27.03
CA LEU A 281 12.58 23.03 26.61
C LEU A 281 12.77 22.76 25.13
N LEU A 282 12.81 23.82 24.32
CA LEU A 282 13.09 23.63 22.89
C LEU A 282 14.47 23.04 22.67
N LEU A 283 15.46 23.51 23.43
CA LEU A 283 16.79 22.92 23.35
C LEU A 283 16.80 21.48 23.87
N GLN A 284 16.09 21.23 24.96
CA GLN A 284 16.01 19.87 25.51
C GLN A 284 15.36 18.92 24.53
N ALA A 285 14.54 19.42 23.62
CA ALA A 285 13.86 18.55 22.66
C ALA A 285 14.81 17.95 21.63
N ILE A 286 16.06 18.41 21.56
CA ILE A 286 17.03 17.84 20.62
C ILE A 286 17.49 16.47 21.12
N PRO A 287 18.08 16.36 22.33
CA PRO A 287 18.39 15.02 22.84
C PRO A 287 17.16 14.16 23.04
N VAL A 288 16.02 14.74 23.42
CA VAL A 288 14.79 13.98 23.54
C VAL A 288 14.35 13.47 22.17
N GLY A 289 14.50 14.30 21.14
CA GLY A 289 14.18 13.85 19.79
C GLY A 289 15.07 12.72 19.34
N VAL A 290 16.35 12.74 19.75
CA VAL A 290 17.25 11.63 19.43
C VAL A 290 16.83 10.39 20.19
N GLY A 291 16.49 10.53 21.48
CA GLY A 291 16.12 9.39 22.29
C GLY A 291 14.79 8.77 21.92
N GLN A 292 13.92 9.53 21.27
CA GLN A 292 12.61 8.99 20.91
C GLN A 292 12.68 7.98 19.77
N VAL A 293 13.84 7.74 19.18
CA VAL A 293 13.95 6.66 18.21
C VAL A 293 13.77 5.32 18.90
N TYR A 294 14.07 5.25 20.20
CA TYR A 294 13.79 4.08 21.02
C TYR A 294 12.53 4.23 21.84
N GLY A 295 11.75 5.28 21.62
CA GLY A 295 10.56 5.52 22.40
C GLY A 295 10.79 6.14 23.76
N CYS A 296 11.97 6.70 24.00
CA CYS A 296 12.34 7.24 25.30
C CYS A 296 12.24 8.76 25.29
N ASP A 297 11.58 9.32 26.30
CA ASP A 297 11.42 10.76 26.42
C ASP A 297 12.33 11.39 27.47
N ASN A 298 13.20 10.62 28.10
CA ASN A 298 14.12 11.18 29.07
C ASN A 298 15.24 11.94 28.35
N PRO A 299 15.48 13.20 28.68
CA PRO A 299 16.61 13.92 28.06
C PRO A 299 17.95 13.28 28.33
N TRP A 300 18.16 12.73 29.53
CA TRP A 300 19.41 12.05 29.84
C TRP A 300 19.58 10.81 28.98
N THR A 301 18.49 10.10 28.71
CA THR A 301 18.55 8.96 27.81
C THR A 301 18.99 9.39 26.42
N GLY A 302 18.47 10.51 25.93
CA GLY A 302 18.89 11.00 24.63
C GLY A 302 20.34 11.44 24.60
N GLY A 303 20.80 12.08 25.66
CA GLY A 303 22.22 12.43 25.73
C GLY A 303 23.12 11.21 25.75
N VAL A 304 22.71 10.17 26.48
CA VAL A 304 23.46 8.92 26.50
C VAL A 304 23.47 8.28 25.11
N PHE A 305 22.35 8.38 24.39
CA PHE A 305 22.30 7.87 23.03
C PHE A 305 23.24 8.64 22.12
N LEU A 306 23.32 9.96 22.31
CA LEU A 306 24.26 10.75 21.52
C LEU A 306 25.70 10.36 21.82
N VAL A 307 26.01 10.08 23.08
CA VAL A 307 27.34 9.59 23.43
C VAL A 307 27.62 8.26 22.74
N ALA A 308 26.63 7.36 22.74
CA ALA A 308 26.79 6.08 22.08
C ALA A 308 27.02 6.24 20.59
N LEU A 309 26.31 7.19 19.96
CA LEU A 309 26.54 7.47 18.54
C LEU A 309 27.94 8.02 18.31
N PHE A 310 28.40 8.92 19.17
CA PHE A 310 29.71 9.53 18.99
C PHE A 310 30.82 8.51 19.15
N ILE A 311 30.64 7.53 20.05
CA ILE A 311 31.67 6.52 20.25
C ILE A 311 31.98 5.81 18.94
N SER A 312 30.95 5.49 18.17
CA SER A 312 31.16 4.78 16.91
C SER A 312 31.56 5.74 15.79
N SER A 313 30.73 6.73 15.51
CA SER A 313 30.97 7.63 14.39
C SER A 313 30.52 9.05 14.74
N PRO A 314 31.45 10.00 14.86
CA PRO A 314 31.04 11.38 15.14
C PRO A 314 30.13 11.97 14.09
N LEU A 315 30.26 11.57 12.83
CA LEU A 315 29.38 12.08 11.79
C LEU A 315 27.95 11.61 12.01
N ILE A 316 27.76 10.38 12.49
CA ILE A 316 26.42 9.90 12.80
C ILE A 316 25.80 10.72 13.92
N CYS A 317 26.58 11.02 14.96
CA CYS A 317 26.08 11.85 16.05
C CYS A 317 25.70 13.24 15.55
N LEU A 318 26.55 13.83 14.71
CA LEU A 318 26.27 15.16 14.18
C LEU A 318 24.99 15.15 13.35
N HIS A 319 24.83 14.15 12.49
CA HIS A 319 23.63 14.10 11.66
C HIS A 319 22.39 13.79 12.47
N ALA A 320 22.52 13.05 13.58
CA ALA A 320 21.39 12.82 14.46
C ALA A 320 20.94 14.12 15.11
N ALA A 321 21.89 14.90 15.63
CA ALA A 321 21.53 16.19 16.22
C ALA A 321 20.91 17.13 15.19
N ILE A 322 21.48 17.16 13.97
CA ILE A 322 20.95 18.03 12.94
C ILE A 322 19.56 17.59 12.52
N GLY A 323 19.31 16.27 12.46
CA GLY A 323 17.97 15.80 12.14
C GLY A 323 16.96 16.16 13.21
N SER A 324 17.36 16.08 14.47
CA SER A 324 16.48 16.52 15.55
C SER A 324 16.13 17.99 15.41
N ILE A 325 17.14 18.82 15.12
CA ILE A 325 16.89 20.26 14.95
C ILE A 325 15.97 20.50 13.76
N VAL A 326 16.17 19.77 12.66
CA VAL A 326 15.34 19.94 11.48
C VAL A 326 13.89 19.56 11.79
N GLY A 327 13.70 18.49 12.56
CA GLY A 327 12.36 18.12 12.96
C GLY A 327 11.68 19.19 13.80
N LEU A 328 12.42 19.78 14.73
CA LEU A 328 11.84 20.87 15.53
C LEU A 328 11.49 22.07 14.65
N LEU A 329 12.36 22.40 13.71
CA LEU A 329 12.08 23.54 12.83
C LEU A 329 10.84 23.29 11.98
N ALA A 330 10.68 22.07 11.47
CA ALA A 330 9.48 21.74 10.70
C ALA A 330 8.23 21.83 11.57
N ALA A 331 8.31 21.31 12.80
CA ALA A 331 7.17 21.39 13.70
C ALA A 331 6.77 22.83 13.96
N LEU A 332 7.75 23.72 14.16
CA LEU A 332 7.44 25.13 14.30
C LEU A 332 6.89 25.71 13.00
N SER A 333 7.35 25.20 11.86
CA SER A 333 6.91 25.72 10.57
C SER A 333 5.44 25.48 10.31
N VAL A 334 4.91 24.33 10.74
CA VAL A 334 3.49 24.04 10.52
C VAL A 334 2.65 24.30 11.78
N ALA A 335 3.14 25.13 12.69
CA ALA A 335 2.39 25.59 13.87
C ALA A 335 1.92 24.40 14.71
N THR A 336 2.88 23.61 15.17
CA THR A 336 2.60 22.53 16.10
C THR A 336 2.56 23.08 17.53
N PRO A 337 1.63 22.60 18.36
CA PRO A 337 1.62 23.03 19.76
C PRO A 337 2.95 22.75 20.43
N PHE A 338 3.40 23.67 21.28
CA PHE A 338 4.72 23.56 21.87
C PHE A 338 4.86 22.30 22.72
N GLU A 339 3.76 21.86 23.35
CA GLU A 339 3.81 20.66 24.17
C GLU A 339 4.17 19.44 23.33
N THR A 340 3.61 19.35 22.12
CA THR A 340 3.96 18.25 21.23
C THR A 340 5.41 18.35 20.77
N ILE A 341 5.88 19.57 20.51
CA ILE A 341 7.26 19.75 20.06
C ILE A 341 8.24 19.30 21.14
N TYR A 342 7.96 19.64 22.39
CA TYR A 342 8.88 19.33 23.47
C TYR A 342 9.10 17.84 23.67
N THR A 343 8.16 17.00 23.22
CA THR A 343 8.27 15.57 23.45
C THR A 343 9.20 14.88 22.47
N GLY A 344 9.69 15.57 21.45
CA GLY A 344 10.56 14.94 20.49
C GLY A 344 9.88 14.01 19.52
N LEU A 345 8.56 14.00 19.48
CA LEU A 345 7.82 13.13 18.57
C LEU A 345 7.85 13.64 17.13
N TRP A 346 8.36 14.85 16.92
CA TRP A 346 8.51 15.42 15.59
C TRP A 346 9.92 15.27 15.02
N SER A 347 10.84 14.70 15.79
CA SER A 347 12.25 14.75 15.44
C SER A 347 12.88 13.39 15.17
N TYR A 348 12.41 12.31 15.79
CA TYR A 348 13.15 11.05 15.74
C TYR A 348 13.17 10.46 14.34
N ASN A 349 12.07 10.56 13.60
CA ASN A 349 12.06 10.14 12.21
C ASN A 349 13.08 10.93 11.40
N CYS A 350 13.14 12.24 11.62
CA CYS A 350 14.13 13.06 10.95
C CYS A 350 15.54 12.72 11.38
N VAL A 351 15.73 12.36 12.65
CA VAL A 351 17.04 11.90 13.11
C VAL A 351 17.49 10.70 12.29
N LEU A 352 16.61 9.70 12.17
CA LEU A 352 16.98 8.50 11.41
C LEU A 352 17.22 8.81 9.94
N SER A 353 16.36 9.65 9.35
CA SER A 353 16.53 9.99 7.93
C SER A 353 17.83 10.74 7.69
N CYS A 354 18.17 11.69 8.55
CA CYS A 354 19.40 12.44 8.38
C CYS A 354 20.62 11.55 8.58
N ILE A 355 20.55 10.60 9.51
CA ILE A 355 21.66 9.66 9.66
C ILE A 355 21.81 8.82 8.39
N ALA A 356 20.70 8.29 7.89
CA ALA A 356 20.77 7.36 6.76
C ALA A 356 21.25 8.05 5.49
N ILE A 357 20.62 9.17 5.13
CA ILE A 357 20.97 9.82 3.86
C ILE A 357 22.31 10.53 3.97
N GLY A 358 22.59 11.12 5.12
CA GLY A 358 23.80 11.91 5.27
C GLY A 358 25.02 11.11 5.69
N GLY A 359 25.54 10.28 4.79
CA GLY A 359 26.80 9.59 5.00
C GLY A 359 26.68 8.09 5.16
N MET A 360 25.50 7.57 5.48
CA MET A 360 25.39 6.14 5.76
C MET A 360 25.18 5.34 4.48
N PHE A 361 24.14 5.66 3.72
CA PHE A 361 23.86 4.99 2.46
C PHE A 361 24.17 5.85 1.25
N TYR A 362 24.50 7.11 1.44
CA TYR A 362 25.13 7.95 0.44
C TYR A 362 26.51 8.34 0.94
N ALA A 363 27.40 8.64 0.01
CA ALA A 363 28.72 9.12 0.39
C ALA A 363 28.61 10.55 0.89
N LEU A 364 29.22 10.82 2.04
CA LEU A 364 29.06 12.14 2.67
C LEU A 364 29.81 13.19 1.87
N THR A 365 29.07 13.96 1.09
CA THR A 365 29.57 15.19 0.48
C THR A 365 28.62 16.31 0.87
N TRP A 366 28.97 17.54 0.50
CA TRP A 366 28.08 18.65 0.83
C TRP A 366 26.76 18.55 0.09
N GLN A 367 26.78 18.04 -1.15
CA GLN A 367 25.53 17.77 -1.86
C GLN A 367 24.72 16.72 -1.12
N THR A 368 25.38 15.66 -0.65
CA THR A 368 24.67 14.62 0.10
C THR A 368 24.19 15.14 1.45
N HIS A 369 24.94 16.04 2.08
CA HIS A 369 24.48 16.64 3.32
C HIS A 369 23.22 17.49 3.08
N LEU A 370 23.19 18.26 2.00
CA LEU A 370 21.99 19.01 1.65
C LEU A 370 20.83 18.07 1.36
N LEU A 371 21.10 16.97 0.65
CA LEU A 371 20.07 15.99 0.39
C LEU A 371 19.54 15.39 1.68
N ALA A 372 20.43 15.19 2.65
CA ALA A 372 20.01 14.69 3.96
C ALA A 372 19.11 15.69 4.67
N LEU A 373 19.45 16.98 4.61
CA LEU A 373 18.58 18.00 5.20
C LEU A 373 17.20 18.01 4.56
N ILE A 374 17.16 17.95 3.24
CA ILE A 374 15.88 17.97 2.54
C ILE A 374 15.08 16.72 2.84
N CYS A 375 15.76 15.56 2.90
CA CYS A 375 15.08 14.32 3.24
C CYS A 375 14.53 14.36 4.65
N ALA A 376 15.28 14.96 5.59
CA ALA A 376 14.79 15.07 6.96
C ALA A 376 13.58 15.98 7.05
N LEU A 377 13.58 17.09 6.30
CA LEU A 377 12.42 17.98 6.30
C LEU A 377 11.19 17.28 5.72
N PHE A 378 11.36 16.63 4.57
CA PHE A 378 10.26 15.91 3.96
C PHE A 378 9.80 14.78 4.86
N CYS A 379 10.73 14.16 5.59
CA CYS A 379 10.38 13.11 6.54
C CYS A 379 9.55 13.66 7.70
N ALA A 380 9.89 14.86 8.18
CA ALA A 380 9.10 15.47 9.25
C ALA A 380 7.68 15.71 8.80
N TYR A 381 7.51 16.25 7.59
CA TYR A 381 6.15 16.53 7.12
C TYR A 381 5.39 15.23 6.81
N MET A 382 6.07 14.25 6.23
CA MET A 382 5.44 12.95 5.99
C MET A 382 5.10 12.27 7.30
N GLU A 383 5.88 12.50 8.35
CA GLU A 383 5.59 11.95 9.67
C GLU A 383 4.35 12.59 10.26
N ALA A 384 4.21 13.91 10.11
CA ALA A 384 2.96 14.56 10.52
C ALA A 384 1.77 13.96 9.79
N ALA A 385 1.90 13.77 8.48
CA ALA A 385 0.81 13.19 7.70
C ALA A 385 0.48 11.79 8.16
N ILE A 386 1.48 10.95 8.34
CA ILE A 386 1.26 9.55 8.69
C ILE A 386 0.69 9.43 10.09
N SER A 387 1.17 10.26 11.02
CA SER A 387 0.61 10.27 12.37
C SER A 387 -0.85 10.66 12.35
N ASN A 388 -1.20 11.70 11.59
CA ASN A 388 -2.59 12.11 11.51
C ASN A 388 -3.46 11.01 10.89
N ILE A 389 -2.96 10.37 9.84
CA ILE A 389 -3.73 9.33 9.17
C ILE A 389 -3.94 8.14 10.09
N MET A 390 -2.88 7.70 10.76
CA MET A 390 -2.95 6.49 11.56
C MET A 390 -3.58 6.71 12.93
N SER A 391 -3.72 7.96 13.39
CA SER A 391 -4.47 8.19 14.61
C SER A 391 -5.96 7.92 14.42
N VAL A 392 -6.44 7.90 13.18
CA VAL A 392 -7.85 7.60 12.92
C VAL A 392 -8.16 6.16 13.29
N VAL A 393 -7.22 5.24 13.04
CA VAL A 393 -7.40 3.84 13.40
C VAL A 393 -6.76 3.59 14.76
N GLY A 394 -6.31 4.65 15.43
CA GLY A 394 -5.81 4.54 16.78
C GLY A 394 -4.43 3.93 16.92
N VAL A 395 -3.57 4.07 15.91
CA VAL A 395 -2.25 3.44 15.93
C VAL A 395 -1.19 4.53 15.92
N PRO A 396 -0.09 4.37 16.67
CA PRO A 396 0.98 5.36 16.63
C PRO A 396 1.68 5.36 15.28
N PRO A 397 2.28 6.48 14.88
CA PRO A 397 2.92 6.55 13.56
C PRO A 397 4.14 5.65 13.41
N GLY A 398 4.84 5.34 14.50
CA GLY A 398 6.05 4.54 14.36
C GLY A 398 7.13 5.29 13.60
N THR A 399 7.89 4.54 12.80
CA THR A 399 8.92 5.10 11.94
C THR A 399 8.59 4.83 10.47
N TRP A 400 7.31 4.85 10.12
CA TRP A 400 6.91 4.69 8.73
C TRP A 400 7.49 5.80 7.86
N ALA A 401 7.43 7.04 8.36
CA ALA A 401 7.88 8.17 7.56
C ALA A 401 9.36 8.08 7.25
N PHE A 402 10.18 7.69 8.23
CA PHE A 402 11.61 7.55 7.98
C PHE A 402 11.87 6.50 6.90
N CYS A 403 11.21 5.35 7.01
CA CYS A 403 11.43 4.29 6.03
C CYS A 403 11.03 4.76 4.64
N LEU A 404 9.85 5.35 4.51
CA LEU A 404 9.37 5.77 3.19
C LEU A 404 10.23 6.88 2.60
N ALA A 405 10.56 7.89 3.41
CA ALA A 405 11.36 9.01 2.90
C ALA A 405 12.76 8.55 2.52
N THR A 406 13.38 7.70 3.33
CA THR A 406 14.72 7.22 3.00
C THR A 406 14.71 6.32 1.77
N ILE A 407 13.69 5.48 1.63
CA ILE A 407 13.59 4.66 0.43
C ILE A 407 13.41 5.54 -0.80
N ILE A 408 12.59 6.58 -0.68
CA ILE A 408 12.37 7.48 -1.80
C ILE A 408 13.66 8.18 -2.19
N PHE A 409 14.42 8.66 -1.21
CA PHE A 409 15.64 9.39 -1.51
C PHE A 409 16.80 8.48 -1.89
N LEU A 410 16.70 7.18 -1.60
CA LEU A 410 17.67 6.23 -2.13
C LEU A 410 17.35 5.82 -3.56
N LEU A 411 16.06 5.68 -3.87
CA LEU A 411 15.65 5.36 -5.23
C LEU A 411 15.80 6.54 -6.16
N LEU A 412 16.01 7.74 -5.65
CA LEU A 412 16.22 8.91 -6.48
C LEU A 412 17.49 8.76 -7.31
N THR A 413 17.39 9.03 -8.61
CA THR A 413 18.51 8.93 -9.53
C THR A 413 18.84 10.32 -10.04
N THR A 414 20.09 10.73 -9.85
CA THR A 414 20.60 11.99 -10.38
C THR A 414 21.84 11.72 -11.21
N ASN A 415 22.16 12.65 -12.10
CA ASN A 415 23.40 12.57 -12.86
C ASN A 415 24.57 13.18 -12.12
N ASN A 416 24.36 13.64 -10.90
CA ASN A 416 25.42 14.25 -10.11
C ASN A 416 26.42 13.18 -9.66
N PRO A 417 27.71 13.31 -9.98
CA PRO A 417 28.68 12.33 -9.48
C PRO A 417 28.94 12.46 -7.99
N ALA A 418 28.67 13.62 -7.39
CA ALA A 418 28.92 13.81 -5.96
C ALA A 418 27.84 13.19 -5.09
N ILE A 419 26.69 12.84 -5.65
CA ILE A 419 25.63 12.15 -4.92
C ILE A 419 25.81 10.67 -5.27
N PHE A 420 26.61 9.97 -4.48
CA PHE A 420 27.02 8.61 -4.78
C PHE A 420 26.35 7.66 -3.79
N ARG A 421 25.59 6.71 -4.33
CA ARG A 421 24.95 5.68 -3.51
C ARG A 421 25.89 4.49 -3.40
N LEU A 422 26.37 4.22 -2.20
CA LEU A 422 27.29 3.12 -2.00
C LEU A 422 26.57 1.79 -2.16
N PRO A 423 27.25 0.76 -2.65
CA PRO A 423 26.67 -0.59 -2.64
C PRO A 423 26.40 -1.02 -1.21
N LEU A 424 25.32 -1.78 -1.04
CA LEU A 424 24.89 -2.15 0.31
C LEU A 424 25.95 -2.94 1.06
N SER A 425 26.77 -3.70 0.35
CA SER A 425 27.82 -4.48 1.00
C SER A 425 29.00 -3.64 1.46
N LYS A 426 29.17 -2.44 0.90
CA LYS A 426 30.27 -1.56 1.26
C LYS A 426 29.91 -0.58 2.36
N VAL A 427 28.68 -0.60 2.86
CA VAL A 427 28.19 0.39 3.82
C VAL A 427 28.59 -0.06 5.22
N THR A 428 29.52 0.67 5.84
CA THR A 428 29.87 0.41 7.23
C THR A 428 29.53 1.59 8.14
N TYR A 429 30.08 2.77 7.88
CA TYR A 429 29.79 3.97 8.64
C TYR A 429 30.34 5.18 7.87
N PRO A 430 29.84 6.38 8.15
CA PRO A 430 30.11 7.52 7.24
C PRO A 430 31.57 7.80 6.96
N GLU A 431 32.46 7.65 7.94
CA GLU A 431 33.88 7.91 7.68
C GLU A 431 34.45 6.90 6.69
N ALA A 432 34.22 5.62 6.93
CA ALA A 432 34.68 4.59 6.01
C ALA A 432 33.98 4.71 4.66
N ASN A 433 32.69 5.07 4.67
CA ASN A 433 31.97 5.25 3.42
C ASN A 433 32.57 6.38 2.59
N ARG A 434 32.93 7.48 3.24
CA ARG A 434 33.56 8.59 2.51
C ARG A 434 34.92 8.19 1.99
N ILE A 435 35.70 7.44 2.77
CA ILE A 435 37.00 6.99 2.28
C ILE A 435 36.83 6.09 1.06
N TYR A 436 35.88 5.16 1.12
CA TYR A 436 35.63 4.27 -0.02
C TYR A 436 35.20 5.07 -1.24
N TYR A 437 34.35 6.07 -1.05
CA TYR A 437 33.91 6.90 -2.16
C TYR A 437 35.06 7.69 -2.76
N LEU A 438 35.95 8.19 -1.92
CA LEU A 438 37.12 8.91 -2.43
C LEU A 438 38.02 7.99 -3.24
N THR A 439 38.21 6.74 -2.78
CA THR A 439 39.02 5.81 -3.57
C THR A 439 38.35 5.46 -4.89
N VAL A 440 37.02 5.44 -4.92
CA VAL A 440 36.28 5.12 -6.14
C VAL A 440 36.29 6.29 -7.10
N GLY B 96 -10.60 -43.51 -6.87
CA GLY B 96 -9.39 -43.46 -7.67
C GLY B 96 -9.45 -42.39 -8.74
N TYR B 97 -10.50 -42.43 -9.56
CA TYR B 97 -10.72 -41.42 -10.59
C TYR B 97 -11.31 -40.14 -10.03
N LEU B 98 -11.70 -40.12 -8.75
CA LEU B 98 -12.33 -38.97 -8.14
C LEU B 98 -11.39 -38.14 -7.28
N THR B 99 -10.27 -38.70 -6.85
CA THR B 99 -9.36 -38.01 -5.97
C THR B 99 -8.39 -37.14 -6.78
N GLY B 100 -7.47 -36.48 -6.08
CA GLY B 100 -6.49 -35.65 -6.77
C GLY B 100 -7.17 -34.50 -7.49
N ASP B 101 -6.75 -34.26 -8.72
CA ASP B 101 -7.34 -33.22 -9.56
C ASP B 101 -8.13 -33.79 -10.72
N MET B 102 -8.41 -35.08 -10.72
CA MET B 102 -9.17 -35.74 -11.78
C MET B 102 -8.53 -35.50 -13.14
N LYS B 103 -7.27 -35.93 -13.26
CA LYS B 103 -6.56 -35.77 -14.53
C LYS B 103 -7.20 -36.61 -15.63
N GLU B 104 -7.61 -37.83 -15.31
CA GLU B 104 -8.25 -38.69 -16.31
C GLU B 104 -9.54 -38.07 -16.82
N TYR B 105 -10.34 -37.50 -15.91
CA TYR B 105 -11.58 -36.85 -16.33
C TYR B 105 -11.28 -35.63 -17.19
N ARG B 106 -10.24 -34.88 -16.85
CA ARG B 106 -9.86 -33.72 -17.68
C ARG B 106 -9.46 -34.17 -19.08
N ILE B 107 -8.70 -35.25 -19.19
CA ILE B 107 -8.31 -35.76 -20.49
C ILE B 107 -9.53 -36.22 -21.26
N TRP B 108 -10.43 -36.95 -20.62
CA TRP B 108 -11.62 -37.45 -21.28
C TRP B 108 -12.59 -36.35 -21.67
N LEU B 109 -12.55 -35.20 -20.99
CA LEU B 109 -13.44 -34.10 -21.30
C LEU B 109 -12.84 -33.08 -22.25
N LYS B 110 -11.53 -33.10 -22.47
CA LYS B 110 -10.90 -32.12 -23.36
C LYS B 110 -11.39 -32.27 -24.80
N ASP B 111 -12.16 -33.31 -25.08
CA ASP B 111 -12.69 -33.53 -26.43
C ASP B 111 -14.22 -33.62 -26.46
N LYS B 112 -14.91 -33.21 -25.41
CA LYS B 112 -16.37 -33.18 -25.39
C LYS B 112 -16.87 -31.81 -25.85
N HIS B 113 -18.17 -31.58 -25.67
CA HIS B 113 -18.79 -30.32 -26.05
C HIS B 113 -18.25 -29.16 -25.21
N LEU B 114 -18.28 -27.97 -25.79
CA LEU B 114 -17.79 -26.79 -25.10
C LEU B 114 -18.61 -26.46 -23.86
N ALA B 115 -19.91 -26.75 -23.87
CA ALA B 115 -20.74 -26.49 -22.70
C ALA B 115 -20.31 -27.35 -21.52
N LEU B 116 -20.04 -28.63 -21.76
CA LEU B 116 -19.57 -29.49 -20.68
C LEU B 116 -18.22 -29.04 -20.15
N GLN B 117 -17.33 -28.62 -21.05
CA GLN B 117 -16.04 -28.10 -20.61
C GLN B 117 -16.21 -26.85 -19.78
N PHE B 118 -17.12 -25.96 -20.18
CA PHE B 118 -17.35 -24.75 -19.40
C PHE B 118 -17.92 -25.08 -18.03
N ILE B 119 -18.84 -26.03 -17.96
CA ILE B 119 -19.37 -26.45 -16.66
C ILE B 119 -18.26 -27.01 -15.78
N ASP B 120 -17.37 -27.79 -16.37
CA ASP B 120 -16.22 -28.31 -15.62
C ASP B 120 -15.34 -27.19 -15.12
N TRP B 121 -15.07 -26.18 -15.96
CA TRP B 121 -14.25 -25.06 -15.54
C TRP B 121 -14.92 -24.30 -14.40
N VAL B 122 -16.24 -24.15 -14.45
CA VAL B 122 -16.95 -23.45 -13.39
C VAL B 122 -16.88 -24.23 -12.08
N LEU B 123 -17.05 -25.55 -12.15
CA LEU B 123 -16.94 -26.37 -10.93
C LEU B 123 -15.53 -26.32 -10.36
N ARG B 124 -14.52 -26.38 -11.23
CA ARG B 124 -13.14 -26.31 -10.75
C ARG B 124 -12.84 -24.94 -10.16
N GLY B 125 -13.41 -23.87 -10.75
CA GLY B 125 -13.25 -22.56 -10.16
C GLY B 125 -13.92 -22.45 -8.80
N THR B 126 -15.07 -23.09 -8.65
CA THR B 126 -15.72 -23.14 -7.34
C THR B 126 -14.82 -23.83 -6.32
N ALA B 127 -14.21 -24.94 -6.72
CA ALA B 127 -13.38 -25.69 -5.78
C ALA B 127 -12.06 -24.98 -5.50
N GLN B 128 -11.57 -24.17 -6.44
CA GLN B 128 -10.24 -23.57 -6.29
C GLN B 128 -10.18 -22.47 -5.25
N VAL B 129 -11.31 -22.10 -4.64
CA VAL B 129 -11.26 -21.16 -3.53
C VAL B 129 -10.41 -21.73 -2.40
N MET B 130 -10.52 -23.04 -2.17
CA MET B 130 -9.71 -23.73 -1.18
C MET B 130 -8.59 -24.55 -1.82
N PHE B 131 -8.03 -24.05 -2.92
CA PHE B 131 -6.86 -24.63 -3.60
C PHE B 131 -7.14 -26.02 -4.16
N ILE B 132 -8.40 -26.34 -4.43
CA ILE B 132 -8.78 -27.67 -4.92
C ILE B 132 -9.09 -27.56 -6.40
N ASN B 133 -8.36 -28.30 -7.23
CA ASN B 133 -8.63 -28.36 -8.65
C ASN B 133 -9.41 -29.63 -8.99
N ASN B 134 -10.61 -29.72 -8.44
CA ASN B 134 -11.42 -30.93 -8.57
C ASN B 134 -12.87 -30.54 -8.86
N PRO B 135 -13.47 -31.04 -9.96
CA PRO B 135 -14.85 -30.67 -10.25
C PRO B 135 -15.87 -31.33 -9.32
N LEU B 136 -15.60 -32.55 -8.86
CA LEU B 136 -16.51 -33.17 -7.90
C LEU B 136 -16.50 -32.41 -6.58
N SER B 137 -15.33 -31.94 -6.15
CA SER B 137 -15.26 -31.09 -4.96
C SER B 137 -16.02 -29.79 -5.18
N GLY B 138 -15.95 -29.23 -6.39
CA GLY B 138 -16.73 -28.04 -6.69
C GLY B 138 -18.22 -28.29 -6.62
N LEU B 139 -18.67 -29.45 -7.11
CA LEU B 139 -20.08 -29.80 -7.01
C LEU B 139 -20.52 -29.94 -5.56
N ILE B 140 -19.68 -30.59 -4.74
CA ILE B 140 -20.00 -30.73 -3.32
C ILE B 140 -20.04 -29.38 -2.64
N ILE B 141 -19.14 -28.47 -3.02
CA ILE B 141 -19.15 -27.13 -2.45
C ILE B 141 -20.40 -26.38 -2.87
N PHE B 142 -20.86 -26.59 -4.12
CA PHE B 142 -22.11 -25.98 -4.55
C PHE B 142 -23.28 -26.51 -3.76
N ILE B 143 -23.28 -27.80 -3.44
CA ILE B 143 -24.33 -28.37 -2.59
C ILE B 143 -24.30 -27.73 -1.21
N GLY B 144 -23.10 -27.56 -0.65
CA GLY B 144 -22.99 -26.91 0.64
C GLY B 144 -23.49 -25.48 0.63
N LEU B 145 -23.19 -24.75 -0.44
CA LEU B 145 -23.68 -23.38 -0.58
C LEU B 145 -25.19 -23.35 -0.70
N LEU B 146 -25.77 -24.30 -1.44
CA LEU B 146 -27.22 -24.40 -1.51
C LEU B 146 -27.81 -24.66 -0.14
N ILE B 147 -27.12 -25.47 0.68
CA ILE B 147 -27.56 -25.68 2.05
C ILE B 147 -27.54 -24.36 2.83
N GLN B 148 -26.46 -23.60 2.69
CA GLN B 148 -26.36 -22.31 3.35
C GLN B 148 -27.41 -21.33 2.87
N ASN B 149 -27.33 -20.93 1.60
CA ASN B 149 -28.25 -19.94 1.05
C ASN B 149 -28.33 -20.07 -0.47
N PRO B 150 -29.47 -20.46 -1.02
CA PRO B 150 -29.59 -20.54 -2.49
C PRO B 150 -29.35 -19.22 -3.19
N TRP B 151 -29.72 -18.09 -2.59
CA TRP B 151 -29.46 -16.80 -3.21
C TRP B 151 -27.95 -16.52 -3.29
N TRP B 152 -27.22 -16.84 -2.23
CA TRP B 152 -25.77 -16.72 -2.27
C TRP B 152 -25.18 -17.67 -3.31
N THR B 153 -25.78 -18.85 -3.45
CA THR B 153 -25.36 -19.77 -4.51
C THR B 153 -25.55 -19.15 -5.88
N ILE B 154 -26.68 -18.48 -6.11
CA ILE B 154 -26.93 -17.84 -7.40
C ILE B 154 -25.90 -16.76 -7.66
N THR B 155 -25.65 -15.90 -6.67
CA THR B 155 -24.71 -14.82 -6.88
C THR B 155 -23.29 -15.34 -7.10
N GLY B 156 -22.87 -16.34 -6.33
CA GLY B 156 -21.54 -16.90 -6.50
C GLY B 156 -21.38 -17.62 -7.82
N GLY B 157 -22.39 -18.39 -8.23
CA GLY B 157 -22.32 -19.05 -9.52
C GLY B 157 -22.27 -18.07 -10.66
N LEU B 158 -23.07 -17.00 -10.59
CA LEU B 158 -22.99 -15.97 -11.61
C LEU B 158 -21.63 -15.31 -11.63
N GLY B 159 -21.05 -15.05 -10.46
CA GLY B 159 -19.71 -14.49 -10.41
C GLY B 159 -18.68 -15.40 -11.05
N THR B 160 -18.76 -16.70 -10.77
CA THR B 160 -17.84 -17.66 -11.38
C THR B 160 -17.99 -17.69 -12.89
N VAL B 161 -19.24 -17.74 -13.36
CA VAL B 161 -19.49 -17.80 -14.79
C VAL B 161 -18.97 -16.55 -15.49
N VAL B 162 -19.25 -15.38 -14.90
CA VAL B 162 -18.83 -14.13 -15.50
C VAL B 162 -17.31 -14.01 -15.50
N SER B 163 -16.67 -14.41 -14.40
CA SER B 163 -15.21 -14.35 -14.33
C SER B 163 -14.58 -15.27 -15.38
N THR B 164 -15.08 -16.49 -15.51
CA THR B 164 -14.54 -17.40 -16.51
C THR B 164 -14.76 -16.88 -17.92
N LEU B 165 -15.95 -16.35 -18.20
CA LEU B 165 -16.23 -15.81 -19.53
C LEU B 165 -15.36 -14.60 -19.84
N THR B 166 -15.13 -13.74 -18.85
CA THR B 166 -14.25 -12.59 -19.06
C THR B 166 -12.82 -13.03 -19.31
N ALA B 167 -12.36 -14.05 -18.57
CA ALA B 167 -11.01 -14.57 -18.81
C ALA B 167 -10.90 -15.14 -20.22
N LEU B 168 -11.94 -15.84 -20.69
CA LEU B 168 -11.93 -16.33 -22.05
C LEU B 168 -11.90 -15.20 -23.06
N ALA B 169 -12.72 -14.17 -22.83
CA ALA B 169 -12.78 -13.05 -23.77
C ALA B 169 -11.50 -12.25 -23.80
N LEU B 170 -10.78 -12.20 -22.68
CA LEU B 170 -9.52 -11.46 -22.60
C LEU B 170 -8.33 -12.30 -23.04
N GLY B 171 -8.57 -13.51 -23.55
CA GLY B 171 -7.49 -14.34 -24.04
C GLY B 171 -6.48 -14.74 -22.98
N GLN B 172 -6.96 -15.11 -21.81
CA GLN B 172 -6.07 -15.59 -20.76
C GLN B 172 -5.64 -17.02 -21.07
N ASP B 173 -4.65 -17.49 -20.31
CA ASP B 173 -4.10 -18.82 -20.54
C ASP B 173 -5.18 -19.88 -20.41
N ARG B 174 -5.41 -20.62 -21.49
CA ARG B 174 -6.48 -21.61 -21.50
C ARG B 174 -6.25 -22.70 -20.46
N SER B 175 -4.98 -23.04 -20.19
CA SER B 175 -4.70 -24.01 -19.15
C SER B 175 -5.12 -23.49 -17.78
N ALA B 176 -4.88 -22.21 -17.51
CA ALA B 176 -5.32 -21.63 -16.23
C ALA B 176 -6.84 -21.59 -16.13
N ILE B 177 -7.51 -21.23 -17.23
CA ILE B 177 -8.97 -21.19 -17.22
C ILE B 177 -9.55 -22.58 -17.00
N ALA B 178 -8.98 -23.59 -17.65
CA ALA B 178 -9.51 -24.95 -17.53
C ALA B 178 -9.30 -25.54 -16.15
N SER B 179 -8.36 -25.02 -15.37
CA SER B 179 -8.13 -25.47 -14.01
C SER B 179 -8.91 -24.67 -12.98
N GLY B 180 -9.74 -23.74 -13.42
CA GLY B 180 -10.53 -22.95 -12.51
C GLY B 180 -9.80 -21.81 -11.84
N LEU B 181 -8.63 -21.45 -12.32
CA LEU B 181 -7.85 -20.39 -11.70
C LEU B 181 -8.37 -19.00 -12.02
N HIS B 182 -9.38 -18.89 -12.88
CA HIS B 182 -9.97 -17.60 -13.22
C HIS B 182 -11.45 -17.53 -12.84
N GLY B 183 -11.91 -18.44 -11.99
CA GLY B 183 -13.31 -18.45 -11.63
C GLY B 183 -13.56 -18.33 -10.14
N TYR B 184 -12.55 -18.63 -9.32
CA TYR B 184 -12.76 -18.61 -7.88
C TYR B 184 -12.80 -17.20 -7.32
N ASN B 185 -12.04 -16.27 -7.90
CA ASN B 185 -12.12 -14.89 -7.45
C ASN B 185 -13.49 -14.29 -7.74
N GLY B 186 -14.04 -14.55 -8.92
CA GLY B 186 -15.39 -14.11 -9.20
C GLY B 186 -16.42 -14.81 -8.34
N MET B 187 -16.19 -16.09 -8.02
CA MET B 187 -17.06 -16.80 -7.09
C MET B 187 -17.11 -16.09 -5.75
N LEU B 188 -15.94 -15.77 -5.19
CA LEU B 188 -15.89 -15.06 -3.93
C LEU B 188 -16.52 -13.69 -4.04
N VAL B 189 -16.30 -13.00 -5.16
CA VAL B 189 -16.89 -11.68 -5.34
C VAL B 189 -18.40 -11.76 -5.25
N GLY B 190 -19.01 -12.67 -6.02
CA GLY B 190 -20.46 -12.80 -5.98
C GLY B 190 -20.96 -13.19 -4.60
N LEU B 191 -20.30 -14.17 -3.98
CA LEU B 191 -20.74 -14.66 -2.69
C LEU B 191 -20.70 -13.55 -1.64
N LEU B 192 -19.60 -12.80 -1.58
CA LEU B 192 -19.45 -11.81 -0.53
C LEU B 192 -20.17 -10.50 -0.81
N MET B 193 -20.48 -10.17 -2.06
CA MET B 193 -21.41 -9.06 -2.24
C MET B 193 -22.85 -9.47 -1.96
N ALA B 194 -23.15 -10.76 -2.03
CA ALA B 194 -24.45 -11.20 -1.54
C ALA B 194 -24.48 -11.21 -0.01
N VAL B 195 -23.39 -11.64 0.62
CA VAL B 195 -23.35 -11.76 2.08
C VAL B 195 -23.46 -10.38 2.73
N PHE B 196 -22.73 -9.41 2.21
CA PHE B 196 -22.65 -8.08 2.82
C PHE B 196 -23.61 -7.10 2.18
N SER B 197 -24.76 -7.57 1.71
CA SER B 197 -25.80 -6.72 1.17
C SER B 197 -26.87 -6.50 2.23
N GLU B 198 -27.20 -5.24 2.47
CA GLU B 198 -28.24 -4.92 3.44
C GLU B 198 -29.64 -5.20 2.91
N LYS B 199 -29.77 -5.45 1.60
CA LYS B 199 -31.05 -5.82 1.04
C LYS B 199 -31.37 -7.28 1.37
N LEU B 200 -32.60 -7.68 1.08
CA LEU B 200 -33.04 -9.03 1.39
C LEU B 200 -32.50 -10.01 0.35
N ASP B 201 -32.84 -11.27 0.53
CA ASP B 201 -32.45 -12.30 -0.44
C ASP B 201 -33.22 -12.10 -1.74
N TYR B 202 -32.63 -12.59 -2.83
CA TYR B 202 -33.23 -12.50 -4.17
C TYR B 202 -33.52 -11.06 -4.56
N TYR B 203 -32.60 -10.17 -4.20
CA TYR B 203 -32.60 -8.79 -4.69
C TYR B 203 -31.89 -8.83 -6.04
N TRP B 204 -32.66 -9.07 -7.09
CA TRP B 204 -32.08 -9.41 -8.39
C TRP B 204 -31.21 -8.28 -8.94
N TRP B 205 -31.48 -7.04 -8.53
CA TRP B 205 -30.68 -5.93 -9.02
C TRP B 205 -29.23 -6.05 -8.60
N LEU B 206 -28.97 -6.76 -7.49
CA LEU B 206 -27.60 -6.99 -7.07
C LEU B 206 -26.79 -7.76 -8.10
N LEU B 207 -27.46 -8.46 -9.01
CA LEU B 207 -26.73 -9.14 -10.07
C LEU B 207 -26.06 -8.16 -11.03
N PHE B 208 -26.58 -6.94 -11.15
CA PHE B 208 -25.92 -5.96 -12.01
C PHE B 208 -24.54 -5.58 -11.50
N PRO B 209 -24.36 -5.17 -10.23
CA PRO B 209 -22.99 -4.93 -9.77
C PRO B 209 -22.14 -6.20 -9.75
N VAL B 210 -22.69 -7.32 -9.29
CA VAL B 210 -21.91 -8.56 -9.17
C VAL B 210 -21.16 -8.83 -10.47
N THR B 211 -21.92 -9.00 -11.55
CA THR B 211 -21.36 -9.20 -12.88
C THR B 211 -20.20 -8.25 -13.14
N PHE B 212 -20.45 -6.95 -12.94
CA PHE B 212 -19.44 -5.95 -13.23
C PHE B 212 -18.16 -6.22 -12.44
N THR B 213 -18.27 -6.38 -11.12
CA THR B 213 -17.04 -6.58 -10.38
C THR B 213 -16.55 -8.02 -10.46
N ALA B 214 -17.32 -8.93 -11.06
CA ALA B 214 -16.77 -10.21 -11.46
C ALA B 214 -15.99 -10.11 -12.76
N MET B 215 -16.28 -9.11 -13.59
CA MET B 215 -15.50 -8.90 -14.81
C MET B 215 -14.13 -8.33 -14.52
N SER B 216 -13.96 -7.62 -13.40
CA SER B 216 -12.68 -7.06 -13.05
C SER B 216 -11.72 -8.07 -12.46
N CYS B 217 -12.23 -9.21 -11.99
CA CYS B 217 -11.36 -10.23 -11.39
C CYS B 217 -10.32 -10.78 -12.36
N PRO B 218 -10.66 -11.15 -13.60
CA PRO B 218 -9.59 -11.55 -14.53
C PRO B 218 -8.58 -10.45 -14.79
N VAL B 219 -9.06 -9.25 -15.13
CA VAL B 219 -8.19 -8.11 -15.38
C VAL B 219 -7.18 -7.97 -14.24
N LEU B 220 -7.69 -7.80 -13.02
CA LEU B 220 -6.83 -7.67 -11.86
C LEU B 220 -5.82 -8.81 -11.80
N SER B 221 -6.30 -10.05 -11.95
CA SER B 221 -5.40 -11.19 -11.91
C SER B 221 -4.27 -11.00 -12.91
N SER B 222 -4.63 -10.71 -14.16
CA SER B 222 -3.61 -10.49 -15.19
C SER B 222 -2.63 -9.44 -14.73
N ALA B 223 -3.14 -8.28 -14.29
CA ALA B 223 -2.25 -7.22 -13.86
C ALA B 223 -1.35 -7.70 -12.74
N LEU B 224 -1.93 -8.36 -11.75
CA LEU B 224 -1.12 -8.82 -10.63
C LEU B 224 -0.14 -9.88 -11.08
N ASN B 225 -0.53 -10.72 -12.04
CA ASN B 225 0.38 -11.72 -12.55
C ASN B 225 1.54 -11.10 -13.29
N SER B 226 1.39 -9.86 -13.79
CA SER B 226 2.52 -9.20 -14.41
C SER B 226 3.61 -8.89 -13.40
N ILE B 227 3.25 -8.76 -12.13
CA ILE B 227 4.22 -8.49 -11.07
C ILE B 227 4.62 -9.77 -10.35
N PHE B 228 3.64 -10.51 -9.85
CA PHE B 228 3.93 -11.64 -8.97
C PHE B 228 4.69 -12.74 -9.67
N SER B 229 4.50 -12.90 -10.99
CA SER B 229 5.25 -13.92 -11.71
C SER B 229 6.74 -13.63 -11.69
N LYS B 230 7.14 -12.37 -11.50
CA LYS B 230 8.55 -12.05 -11.38
C LYS B 230 9.15 -12.56 -10.09
N TRP B 231 8.32 -12.94 -9.11
CA TRP B 231 8.76 -13.62 -7.90
C TRP B 231 8.20 -15.03 -7.80
N ASP B 232 7.59 -15.54 -8.86
CA ASP B 232 7.00 -16.89 -8.88
C ASP B 232 5.95 -17.03 -7.78
N LEU B 233 5.14 -16.00 -7.58
CA LEU B 233 4.11 -16.00 -6.57
C LEU B 233 2.73 -16.13 -7.20
N PRO B 234 1.80 -16.79 -6.52
CA PRO B 234 0.41 -16.79 -6.98
C PRO B 234 -0.32 -15.54 -6.56
N VAL B 235 -1.41 -15.26 -7.26
CA VAL B 235 -2.33 -14.21 -6.84
C VAL B 235 -3.51 -14.83 -6.09
N PHE B 236 -3.36 -15.00 -4.78
CA PHE B 236 -4.18 -15.93 -4.01
C PHE B 236 -5.65 -15.51 -4.12
N THR B 237 -6.03 -14.41 -3.50
CA THR B 237 -7.35 -13.82 -3.60
C THR B 237 -7.26 -12.31 -3.68
N LEU B 238 -6.08 -11.79 -4.02
CA LEU B 238 -5.93 -10.35 -4.19
C LEU B 238 -6.88 -9.77 -5.22
N PRO B 239 -7.16 -10.40 -6.36
CA PRO B 239 -8.21 -9.85 -7.24
C PRO B 239 -9.55 -9.70 -6.54
N PHE B 240 -10.01 -10.75 -5.86
CA PHE B 240 -11.28 -10.66 -5.15
C PHE B 240 -11.22 -9.62 -4.03
N ASN B 241 -10.11 -9.59 -3.29
CA ASN B 241 -10.02 -8.65 -2.18
C ASN B 241 -10.05 -7.21 -2.67
N ILE B 242 -9.27 -6.90 -3.70
CA ILE B 242 -9.28 -5.56 -4.26
C ILE B 242 -10.66 -5.22 -4.78
N ALA B 243 -11.26 -6.10 -5.58
CA ALA B 243 -12.54 -5.80 -6.20
C ALA B 243 -13.63 -5.60 -5.16
N VAL B 244 -13.71 -6.50 -4.17
CA VAL B 244 -14.79 -6.42 -3.20
C VAL B 244 -14.57 -5.26 -2.23
N THR B 245 -13.32 -4.96 -1.85
CA THR B 245 -13.08 -3.80 -1.01
C THR B 245 -13.47 -2.53 -1.73
N LEU B 246 -13.11 -2.40 -3.01
CA LEU B 246 -13.49 -1.23 -3.77
C LEU B 246 -15.01 -1.15 -3.91
N TYR B 247 -15.68 -2.27 -4.16
CA TYR B 247 -17.13 -2.23 -4.31
C TYR B 247 -17.81 -1.81 -3.01
N LEU B 248 -17.40 -2.42 -1.89
CA LEU B 248 -18.06 -2.14 -0.62
C LEU B 248 -17.72 -0.76 -0.09
N ALA B 249 -16.57 -0.20 -0.47
CA ALA B 249 -16.29 1.19 -0.12
C ALA B 249 -17.05 2.15 -1.03
N ALA B 250 -17.20 1.81 -2.31
CA ALA B 250 -17.90 2.68 -3.24
C ALA B 250 -19.38 2.77 -2.91
N THR B 251 -20.01 1.64 -2.58
CA THR B 251 -21.42 1.68 -2.23
C THR B 251 -21.61 2.10 -0.78
N GLY B 252 -21.08 1.33 0.15
CA GLY B 252 -21.20 1.65 1.55
C GLY B 252 -22.55 1.32 2.12
N HIS B 253 -22.71 1.64 3.40
CA HIS B 253 -23.96 1.34 4.10
C HIS B 253 -25.10 2.25 3.69
N TYR B 254 -24.80 3.44 3.17
CA TYR B 254 -25.81 4.45 2.89
C TYR B 254 -26.11 4.59 1.41
N ASN B 255 -25.71 3.63 0.59
CA ASN B 255 -26.06 3.66 -0.81
C ASN B 255 -27.55 3.41 -0.99
N LEU B 256 -28.16 4.10 -1.95
CA LEU B 256 -29.59 3.97 -2.17
C LEU B 256 -29.93 2.67 -2.90
N PHE B 257 -29.09 2.26 -3.85
CA PHE B 257 -29.38 1.08 -4.67
C PHE B 257 -28.84 -0.19 -4.05
N PHE B 258 -27.58 -0.18 -3.62
CA PHE B 258 -26.91 -1.36 -3.11
C PHE B 258 -26.27 -1.06 -1.76
N PRO B 259 -27.08 -0.89 -0.72
CA PRO B 259 -26.51 -0.65 0.61
C PRO B 259 -25.87 -1.92 1.16
N THR B 260 -24.74 -1.73 1.83
CA THR B 260 -24.04 -2.83 2.47
C THR B 260 -24.33 -2.84 3.96
N THR B 261 -24.01 -3.96 4.60
CA THR B 261 -24.20 -4.06 6.03
C THR B 261 -23.26 -3.11 6.77
N LEU B 262 -23.70 -2.67 7.94
CA LEU B 262 -22.93 -1.70 8.72
C LEU B 262 -21.77 -2.40 9.40
N VAL B 263 -20.55 -1.95 9.10
CA VAL B 263 -19.35 -2.42 9.76
C VAL B 263 -18.78 -1.25 10.56
N GLU B 264 -18.62 -1.45 11.86
CA GLU B 264 -18.19 -0.37 12.73
C GLU B 264 -17.05 -0.82 13.61
N PRO B 265 -16.15 0.09 13.97
CA PRO B 265 -15.05 -0.28 14.88
C PRO B 265 -15.54 -0.52 16.29
N VAL B 266 -14.76 -1.31 17.02
CA VAL B 266 -15.07 -1.59 18.42
C VAL B 266 -14.77 -0.36 19.25
N SER B 267 -15.71 0.01 20.13
CA SER B 267 -15.58 1.24 20.90
C SER B 267 -15.66 1.02 22.41
N SER B 268 -15.66 -0.23 22.87
CA SER B 268 -15.74 -0.50 24.30
C SER B 268 -15.07 -1.84 24.60
N VAL B 269 -14.64 -1.99 25.84
CA VAL B 269 -13.97 -3.22 26.27
C VAL B 269 -15.00 -4.33 26.40
N PRO B 270 -14.81 -5.48 25.76
CA PRO B 270 -15.77 -6.58 25.92
C PRO B 270 -15.77 -7.12 27.34
N ASN B 271 -16.93 -7.63 27.74
CA ASN B 271 -17.10 -8.27 29.04
C ASN B 271 -17.04 -9.77 28.81
N ILE B 272 -15.90 -10.37 29.13
CA ILE B 272 -15.66 -11.79 28.92
C ILE B 272 -15.61 -12.47 30.28
N THR B 273 -16.59 -13.32 30.56
CA THR B 273 -16.55 -14.17 31.73
C THR B 273 -16.32 -15.60 31.23
N TRP B 274 -15.20 -16.18 31.64
CA TRP B 274 -14.71 -17.41 31.03
C TRP B 274 -15.49 -18.65 31.47
N THR B 275 -16.53 -18.49 32.28
CA THR B 275 -17.35 -19.62 32.70
C THR B 275 -18.56 -19.85 31.79
N GLU B 276 -18.81 -18.98 30.83
CA GLU B 276 -19.88 -19.19 29.86
C GLU B 276 -19.37 -19.70 28.52
N MET B 277 -18.13 -20.18 28.46
CA MET B 277 -17.66 -20.85 27.27
C MET B 277 -18.48 -22.10 27.02
N GLU B 278 -18.97 -22.25 25.80
CA GLU B 278 -19.75 -23.42 25.40
C GLU B 278 -18.84 -24.31 24.55
N MET B 279 -18.41 -25.42 25.12
CA MET B 279 -17.58 -26.35 24.37
C MET B 279 -18.25 -26.85 23.09
N PRO B 280 -19.55 -27.20 23.07
CA PRO B 280 -20.18 -27.54 21.79
C PRO B 280 -20.06 -26.46 20.73
N LEU B 281 -20.24 -25.19 21.12
CA LEU B 281 -20.13 -24.12 20.13
C LEU B 281 -18.69 -23.89 19.71
N LEU B 282 -17.74 -24.03 20.65
CA LEU B 282 -16.34 -23.91 20.29
C LEU B 282 -15.92 -24.99 19.30
N LEU B 283 -16.40 -26.22 19.50
CA LEU B 283 -16.14 -27.29 18.54
C LEU B 283 -16.84 -27.02 17.21
N GLN B 284 -18.08 -26.54 17.26
CA GLN B 284 -18.81 -26.22 16.04
C GLN B 284 -18.11 -25.13 15.23
N ALA B 285 -17.33 -24.29 15.89
CA ALA B 285 -16.65 -23.21 15.20
C ALA B 285 -15.55 -23.69 14.27
N ILE B 286 -15.17 -24.97 14.32
CA ILE B 286 -14.15 -25.50 13.43
C ILE B 286 -14.73 -25.68 12.03
N PRO B 287 -15.80 -26.47 11.84
CA PRO B 287 -16.41 -26.51 10.51
C PRO B 287 -16.97 -25.17 10.07
N VAL B 288 -17.49 -24.37 10.99
CA VAL B 288 -17.95 -23.03 10.62
C VAL B 288 -16.77 -22.17 10.17
N GLY B 289 -15.64 -22.29 10.84
CA GLY B 289 -14.45 -21.58 10.40
C GLY B 289 -13.99 -22.00 9.02
N VAL B 290 -14.13 -23.29 8.71
CA VAL B 290 -13.80 -23.76 7.37
C VAL B 290 -14.80 -23.21 6.35
N GLY B 291 -16.08 -23.22 6.69
CA GLY B 291 -17.11 -22.75 5.77
C GLY B 291 -17.10 -21.26 5.54
N GLN B 292 -16.53 -20.49 6.47
CA GLN B 292 -16.51 -19.04 6.32
C GLN B 292 -15.53 -18.57 5.25
N VAL B 293 -14.75 -19.46 4.64
CA VAL B 293 -13.95 -19.04 3.50
C VAL B 293 -14.84 -18.67 2.33
N TYR B 294 -16.04 -19.23 2.27
CA TYR B 294 -17.06 -18.85 1.29
C TYR B 294 -18.09 -17.89 1.88
N GLY B 295 -17.87 -17.40 3.09
CA GLY B 295 -18.85 -16.53 3.73
C GLY B 295 -20.03 -17.22 4.35
N CYS B 296 -19.95 -18.53 4.55
CA CYS B 296 -21.07 -19.33 5.06
C CYS B 296 -20.86 -19.63 6.54
N ASP B 297 -21.91 -19.42 7.33
CA ASP B 297 -21.86 -19.67 8.76
C ASP B 297 -22.60 -20.93 9.17
N ASN B 298 -23.15 -21.68 8.23
CA ASN B 298 -23.84 -22.92 8.57
C ASN B 298 -22.81 -24.00 8.90
N PRO B 299 -22.92 -24.65 10.07
CA PRO B 299 -21.98 -25.75 10.37
C PRO B 299 -22.07 -26.91 9.38
N TRP B 300 -23.27 -27.22 8.90
CA TRP B 300 -23.41 -28.28 7.90
C TRP B 300 -22.71 -27.91 6.60
N THR B 301 -22.77 -26.63 6.23
CA THR B 301 -22.03 -26.17 5.05
C THR B 301 -20.53 -26.38 5.23
N GLY B 302 -20.02 -26.09 6.43
CA GLY B 302 -18.60 -26.31 6.67
C GLY B 302 -18.23 -27.78 6.65
N GLY B 303 -19.08 -28.64 7.20
CA GLY B 303 -18.82 -30.06 7.13
C GLY B 303 -18.82 -30.57 5.70
N VAL B 304 -19.76 -30.08 4.89
CA VAL B 304 -19.79 -30.45 3.48
C VAL B 304 -18.54 -29.97 2.77
N PHE B 305 -18.05 -28.78 3.12
CA PHE B 305 -16.81 -28.28 2.55
C PHE B 305 -15.63 -29.16 2.95
N LEU B 306 -15.62 -29.64 4.19
CA LEU B 306 -14.55 -30.56 4.62
C LEU B 306 -14.61 -31.86 3.84
N VAL B 307 -15.82 -32.36 3.58
CA VAL B 307 -15.95 -33.56 2.75
C VAL B 307 -15.42 -33.30 1.34
N ALA B 308 -15.74 -32.13 0.78
CA ALA B 308 -15.24 -31.77 -0.54
C ALA B 308 -13.72 -31.70 -0.56
N LEU B 309 -13.12 -31.15 0.50
CA LEU B 309 -11.67 -31.11 0.60
C LEU B 309 -11.09 -32.52 0.69
N PHE B 310 -11.70 -33.39 1.48
CA PHE B 310 -11.18 -34.73 1.66
C PHE B 310 -11.27 -35.55 0.38
N ILE B 311 -12.30 -35.31 -0.43
CA ILE B 311 -12.44 -36.04 -1.69
C ILE B 311 -11.20 -35.84 -2.55
N SER B 312 -10.69 -34.61 -2.62
CA SER B 312 -9.52 -34.33 -3.45
C SER B 312 -8.23 -34.71 -2.73
N SER B 313 -7.99 -34.13 -1.57
CA SER B 313 -6.73 -34.35 -0.87
C SER B 313 -6.96 -34.39 0.64
N PRO B 314 -6.77 -35.55 1.28
CA PRO B 314 -6.93 -35.61 2.74
C PRO B 314 -6.01 -34.67 3.50
N LEU B 315 -4.81 -34.40 2.97
CA LEU B 315 -3.91 -33.47 3.64
C LEU B 315 -4.47 -32.05 3.64
N ILE B 316 -5.14 -31.66 2.56
CA ILE B 316 -5.78 -30.34 2.52
C ILE B 316 -6.88 -30.25 3.57
N CYS B 317 -7.69 -31.29 3.70
CA CYS B 317 -8.73 -31.29 4.72
C CYS B 317 -8.14 -31.21 6.12
N LEU B 318 -7.07 -31.97 6.37
CA LEU B 318 -6.42 -31.95 7.67
C LEU B 318 -5.87 -30.56 7.99
N HIS B 319 -5.22 -29.94 7.01
CA HIS B 319 -4.65 -28.61 7.26
C HIS B 319 -5.74 -27.55 7.39
N ALA B 320 -6.87 -27.73 6.72
CA ALA B 320 -7.99 -26.81 6.92
C ALA B 320 -8.53 -26.89 8.33
N ALA B 321 -8.74 -28.11 8.83
CA ALA B 321 -9.21 -28.26 10.20
C ALA B 321 -8.21 -27.70 11.20
N ILE B 322 -6.92 -27.96 10.97
CA ILE B 322 -5.89 -27.47 11.89
C ILE B 322 -5.82 -25.94 11.84
N GLY B 323 -5.98 -25.35 10.66
CA GLY B 323 -6.00 -23.90 10.58
C GLY B 323 -7.19 -23.29 11.29
N SER B 324 -8.35 -23.94 11.20
CA SER B 324 -9.51 -23.47 11.95
C SER B 324 -9.24 -23.51 13.45
N ILE B 325 -8.65 -24.61 13.92
CA ILE B 325 -8.34 -24.73 15.35
C ILE B 325 -7.33 -23.66 15.76
N VAL B 326 -6.33 -23.41 14.93
CA VAL B 326 -5.32 -22.40 15.24
C VAL B 326 -5.96 -21.02 15.33
N GLY B 327 -6.89 -20.72 14.43
CA GLY B 327 -7.60 -19.46 14.49
C GLY B 327 -8.40 -19.30 15.78
N LEU B 328 -9.08 -20.37 16.20
CA LEU B 328 -9.82 -20.30 17.47
C LEU B 328 -8.88 -20.10 18.64
N LEU B 329 -7.73 -20.79 18.64
CA LEU B 329 -6.78 -20.63 19.74
C LEU B 329 -6.23 -19.22 19.79
N ALA B 330 -5.94 -18.62 18.64
CA ALA B 330 -5.48 -17.23 18.63
C ALA B 330 -6.55 -16.29 19.15
N ALA B 331 -7.80 -16.50 18.72
CA ALA B 331 -8.89 -15.66 19.20
C ALA B 331 -9.02 -15.74 20.71
N LEU B 332 -8.91 -16.94 21.27
CA LEU B 332 -8.91 -17.06 22.73
C LEU B 332 -7.68 -16.40 23.35
N SER B 333 -6.55 -16.44 22.64
CA SER B 333 -5.32 -15.88 23.18
C SER B 333 -5.40 -14.38 23.35
N VAL B 334 -6.06 -13.66 22.45
CA VAL B 334 -6.18 -12.21 22.57
C VAL B 334 -7.52 -11.78 23.17
N ALA B 335 -8.19 -12.68 23.88
CA ALA B 335 -9.43 -12.37 24.61
C ALA B 335 -10.51 -11.80 23.69
N THR B 336 -10.86 -12.59 22.69
CA THR B 336 -11.97 -12.25 21.81
C THR B 336 -13.29 -12.68 22.45
N PRO B 337 -14.35 -11.87 22.34
CA PRO B 337 -15.65 -12.31 22.86
C PRO B 337 -16.07 -13.63 22.22
N PHE B 338 -16.68 -14.49 23.04
CA PHE B 338 -17.01 -15.83 22.59
C PHE B 338 -17.99 -15.81 21.41
N GLU B 339 -18.87 -14.82 21.37
CA GLU B 339 -19.82 -14.73 20.27
C GLU B 339 -19.11 -14.54 18.94
N THR B 340 -18.06 -13.72 18.92
CA THR B 340 -17.27 -13.54 17.71
C THR B 340 -16.52 -14.82 17.34
N ILE B 341 -16.00 -15.53 18.35
CA ILE B 341 -15.27 -16.76 18.08
C ILE B 341 -16.19 -17.81 17.46
N TYR B 342 -17.42 -17.92 17.95
CA TYR B 342 -18.32 -18.95 17.47
C TYR B 342 -18.68 -18.79 15.99
N THR B 343 -18.54 -17.58 15.44
CA THR B 343 -18.94 -17.34 14.06
C THR B 343 -17.90 -17.81 13.04
N GLY B 344 -16.71 -18.22 13.49
CA GLY B 344 -15.69 -18.65 12.56
C GLY B 344 -15.02 -17.54 11.80
N LEU B 345 -15.24 -16.28 12.18
CA LEU B 345 -14.62 -15.16 11.50
C LEU B 345 -13.16 -14.99 11.88
N TRP B 346 -12.67 -15.74 12.86
CA TRP B 346 -11.28 -15.73 13.26
C TRP B 346 -10.48 -16.87 12.66
N SER B 347 -11.12 -17.77 11.90
CA SER B 347 -10.48 -19.01 11.50
C SER B 347 -10.28 -19.17 10.00
N TYR B 348 -11.13 -18.58 9.16
CA TYR B 348 -11.10 -18.93 7.74
C TYR B 348 -9.81 -18.46 7.06
N ASN B 349 -9.31 -17.28 7.44
CA ASN B 349 -8.02 -16.85 6.93
C ASN B 349 -6.92 -17.83 7.32
N CYS B 350 -6.95 -18.29 8.57
CA CYS B 350 -5.99 -19.28 9.01
C CYS B 350 -6.18 -20.61 8.31
N VAL B 351 -7.43 -20.98 7.99
CA VAL B 351 -7.67 -22.18 7.21
C VAL B 351 -6.95 -22.10 5.87
N LEU B 352 -7.13 -20.97 5.17
CA LEU B 352 -6.50 -20.83 3.86
C LEU B 352 -4.98 -20.79 3.97
N SER B 353 -4.45 -20.09 4.98
CA SER B 353 -3.01 -20.00 5.15
C SER B 353 -2.40 -21.37 5.47
N CYS B 354 -3.05 -22.14 6.34
CA CYS B 354 -2.53 -23.45 6.68
C CYS B 354 -2.60 -24.40 5.49
N ILE B 355 -3.65 -24.29 4.67
CA ILE B 355 -3.70 -25.11 3.46
C ILE B 355 -2.56 -24.73 2.52
N ALA B 356 -2.36 -23.42 2.31
CA ALA B 356 -1.38 -22.99 1.32
C ALA B 356 0.04 -23.33 1.74
N ILE B 357 0.43 -22.97 2.97
CA ILE B 357 1.81 -23.18 3.38
C ILE B 357 2.07 -24.64 3.68
N GLY B 358 1.09 -25.34 4.24
CA GLY B 358 1.28 -26.72 4.64
C GLY B 358 1.01 -27.74 3.56
N GLY B 359 1.87 -27.79 2.56
CA GLY B 359 1.82 -28.83 1.54
C GLY B 359 1.44 -28.35 0.15
N MET B 360 0.83 -27.17 0.02
CA MET B 360 0.34 -26.75 -1.29
C MET B 360 1.43 -26.05 -2.08
N PHE B 361 2.00 -24.98 -1.53
CA PHE B 361 3.08 -24.26 -2.18
C PHE B 361 4.43 -24.50 -1.54
N TYR B 362 4.49 -25.19 -0.42
CA TYR B 362 5.70 -25.77 0.12
C TYR B 362 5.54 -27.28 0.12
N ALA B 363 6.66 -27.99 0.08
CA ALA B 363 6.63 -29.44 0.18
C ALA B 363 6.31 -29.85 1.61
N LEU B 364 5.34 -30.75 1.78
CA LEU B 364 4.88 -31.10 3.12
C LEU B 364 5.95 -31.90 3.84
N THR B 365 6.67 -31.25 4.75
CA THR B 365 7.52 -31.90 5.72
C THR B 365 7.12 -31.41 7.10
N TRP B 366 7.72 -31.98 8.14
CA TRP B 366 7.36 -31.52 9.48
C TRP B 366 7.81 -30.09 9.72
N GLN B 367 8.94 -29.69 9.14
CA GLN B 367 9.34 -28.29 9.20
C GLN B 367 8.33 -27.41 8.48
N THR B 368 7.85 -27.85 7.32
CA THR B 368 6.86 -27.08 6.59
C THR B 368 5.51 -27.08 7.32
N HIS B 369 5.17 -28.17 8.00
CA HIS B 369 3.96 -28.18 8.82
C HIS B 369 4.06 -27.18 9.97
N LEU B 370 5.21 -27.12 10.64
CA LEU B 370 5.40 -26.11 11.68
C LEU B 370 5.33 -24.70 11.10
N LEU B 371 5.93 -24.50 9.93
CA LEU B 371 5.84 -23.21 9.27
C LEU B 371 4.40 -22.85 8.95
N ALA B 372 3.60 -23.85 8.58
CA ALA B 372 2.18 -23.62 8.32
C ALA B 372 1.45 -23.22 9.59
N LEU B 373 1.76 -23.86 10.71
CA LEU B 373 1.15 -23.48 11.98
C LEU B 373 1.50 -22.04 12.35
N ILE B 374 2.78 -21.68 12.20
CA ILE B 374 3.20 -20.33 12.55
C ILE B 374 2.58 -19.31 11.61
N CYS B 375 2.48 -19.64 10.32
CA CYS B 375 1.86 -18.75 9.35
C CYS B 375 0.38 -18.57 9.67
N ALA B 376 -0.30 -19.64 10.07
CA ALA B 376 -1.71 -19.54 10.42
C ALA B 376 -1.91 -18.67 11.66
N LEU B 377 -1.04 -18.80 12.66
CA LEU B 377 -1.14 -17.96 13.85
C LEU B 377 -0.92 -16.49 13.50
N PHE B 378 0.15 -16.20 12.75
CA PHE B 378 0.42 -14.84 12.34
C PHE B 378 -0.69 -14.30 11.47
N CYS B 379 -1.32 -15.17 10.66
CA CYS B 379 -2.45 -14.77 9.84
C CYS B 379 -3.65 -14.43 10.69
N ALA B 380 -3.90 -15.18 11.76
CA ALA B 380 -5.00 -14.85 12.66
C ALA B 380 -4.81 -13.48 13.27
N TYR B 381 -3.60 -13.19 13.75
CA TYR B 381 -3.38 -11.89 14.38
C TYR B 381 -3.40 -10.76 13.35
N MET B 382 -2.84 -10.99 12.16
CA MET B 382 -2.91 -10.00 11.10
C MET B 382 -4.34 -9.79 10.64
N GLU B 383 -5.18 -10.83 10.71
CA GLU B 383 -6.58 -10.70 10.37
C GLU B 383 -7.32 -9.85 11.39
N ALA B 384 -7.02 -10.04 12.67
CA ALA B 384 -7.58 -9.15 13.69
C ALA B 384 -7.19 -7.71 13.41
N ALA B 385 -5.91 -7.48 13.10
CA ALA B 385 -5.44 -6.13 12.82
C ALA B 385 -6.16 -5.53 11.61
N ILE B 386 -6.25 -6.29 10.53
CA ILE B 386 -6.81 -5.79 9.28
C ILE B 386 -8.31 -5.54 9.45
N SER B 387 -9.00 -6.43 10.17
CA SER B 387 -10.42 -6.22 10.43
C SER B 387 -10.65 -4.95 11.24
N ASN B 388 -9.84 -4.73 12.27
CA ASN B 388 -9.98 -3.52 13.06
C ASN B 388 -9.70 -2.28 12.22
N ILE B 389 -8.66 -2.32 11.39
CA ILE B 389 -8.31 -1.16 10.58
C ILE B 389 -9.41 -0.86 9.57
N MET B 390 -9.92 -1.89 8.90
CA MET B 390 -10.87 -1.67 7.82
C MET B 390 -12.29 -1.45 8.31
N SER B 391 -12.59 -1.77 9.58
CA SER B 391 -13.88 -1.41 10.12
C SER B 391 -14.03 0.09 10.28
N VAL B 392 -12.93 0.83 10.31
CA VAL B 392 -13.00 2.29 10.41
C VAL B 392 -13.62 2.89 9.16
N VAL B 393 -13.32 2.31 8.00
CA VAL B 393 -13.89 2.77 6.74
C VAL B 393 -15.13 1.94 6.42
N GLY B 394 -15.53 1.07 7.34
CA GLY B 394 -16.76 0.33 7.18
C GLY B 394 -16.70 -0.83 6.21
N VAL B 395 -15.54 -1.44 6.02
CA VAL B 395 -15.38 -2.51 5.04
C VAL B 395 -15.01 -3.80 5.76
N PRO B 396 -15.55 -4.94 5.34
CA PRO B 396 -15.16 -6.20 5.96
C PRO B 396 -13.71 -6.54 5.66
N PRO B 397 -13.05 -7.32 6.53
CA PRO B 397 -11.63 -7.64 6.29
C PRO B 397 -11.37 -8.50 5.07
N GLY B 398 -12.33 -9.32 4.66
CA GLY B 398 -12.08 -10.20 3.53
C GLY B 398 -11.01 -11.24 3.86
N THR B 399 -10.19 -11.56 2.86
CA THR B 399 -9.07 -12.48 3.03
C THR B 399 -7.75 -11.78 2.76
N TRP B 400 -7.66 -10.49 3.14
CA TRP B 400 -6.41 -9.76 2.99
C TRP B 400 -5.30 -10.40 3.82
N ALA B 401 -5.62 -10.80 5.04
CA ALA B 401 -4.61 -11.35 5.94
C ALA B 401 -4.02 -12.63 5.39
N PHE B 402 -4.86 -13.52 4.85
CA PHE B 402 -4.35 -14.76 4.27
C PHE B 402 -3.41 -14.47 3.13
N CYS B 403 -3.79 -13.58 2.22
CA CYS B 403 -2.94 -13.26 1.08
C CYS B 403 -1.61 -12.70 1.54
N LEU B 404 -1.64 -11.72 2.45
CA LEU B 404 -0.40 -11.08 2.88
C LEU B 404 0.50 -12.05 3.65
N ALA B 405 -0.08 -12.82 4.57
CA ALA B 405 0.71 -13.76 5.36
C ALA B 405 1.31 -14.84 4.48
N THR B 406 0.53 -15.39 3.55
CA THR B 406 1.04 -16.43 2.68
C THR B 406 2.11 -15.90 1.74
N ILE B 407 1.93 -14.68 1.22
CA ILE B 407 2.97 -14.10 0.38
C ILE B 407 4.24 -13.88 1.18
N ILE B 408 4.12 -13.42 2.42
CA ILE B 408 5.28 -13.21 3.27
C ILE B 408 6.02 -14.52 3.52
N PHE B 409 5.27 -15.58 3.83
CA PHE B 409 5.91 -16.85 4.14
C PHE B 409 6.38 -17.60 2.90
N LEU B 410 5.90 -17.22 1.71
CA LEU B 410 6.47 -17.76 0.49
C LEU B 410 7.74 -17.01 0.09
N LEU B 411 7.77 -15.70 0.31
CA LEU B 411 8.96 -14.91 0.02
C LEU B 411 10.07 -15.16 1.04
N LEU B 412 9.76 -15.81 2.16
CA LEU B 412 10.78 -16.13 3.14
C LEU B 412 11.81 -17.07 2.56
N THR B 413 13.09 -16.76 2.75
CA THR B 413 14.19 -17.57 2.26
C THR B 413 14.94 -18.14 3.45
N THR B 414 15.07 -19.46 3.49
CA THR B 414 15.85 -20.15 4.50
C THR B 414 16.87 -21.05 3.81
N ASN B 415 17.92 -21.39 4.54
CA ASN B 415 18.90 -22.35 4.04
C ASN B 415 18.49 -23.79 4.34
N ASN B 416 17.33 -24.00 4.93
CA ASN B 416 16.85 -25.34 5.25
C ASN B 416 16.46 -26.08 3.98
N PRO B 417 17.06 -27.24 3.70
CA PRO B 417 16.62 -28.02 2.52
C PRO B 417 15.24 -28.62 2.67
N ALA B 418 14.77 -28.83 3.90
CA ALA B 418 13.46 -29.44 4.12
C ALA B 418 12.31 -28.47 3.91
N ILE B 419 12.58 -27.16 3.88
CA ILE B 419 11.57 -26.16 3.57
C ILE B 419 11.75 -25.84 2.09
N PHE B 420 11.04 -26.58 1.25
CA PHE B 420 11.22 -26.53 -0.20
C PHE B 420 10.01 -25.87 -0.83
N ARG B 421 10.24 -24.78 -1.55
CA ARG B 421 9.18 -24.09 -2.27
C ARG B 421 9.10 -24.67 -3.69
N LEU B 422 7.98 -25.33 -3.99
CA LEU B 422 7.83 -25.93 -5.30
C LEU B 422 7.66 -24.86 -6.37
N PRO B 423 8.14 -25.11 -7.58
CA PRO B 423 7.81 -24.21 -8.69
C PRO B 423 6.32 -24.16 -8.93
N LEU B 424 5.83 -22.98 -9.32
CA LEU B 424 4.39 -22.79 -9.44
C LEU B 424 3.77 -23.75 -10.44
N SER B 425 4.51 -24.14 -11.48
CA SER B 425 3.98 -25.05 -12.48
C SER B 425 3.89 -26.49 -11.98
N LYS B 426 4.62 -26.84 -10.93
CA LYS B 426 4.61 -28.19 -10.39
C LYS B 426 3.61 -28.38 -9.26
N VAL B 427 2.88 -27.34 -8.89
CA VAL B 427 1.99 -27.37 -7.73
C VAL B 427 0.65 -27.94 -8.17
N THR B 428 0.32 -29.14 -7.71
CA THR B 428 -0.99 -29.73 -7.94
C THR B 428 -1.78 -29.94 -6.66
N TYR B 429 -1.25 -30.71 -5.72
CA TYR B 429 -1.89 -30.94 -4.43
C TYR B 429 -0.87 -31.60 -3.50
N PRO B 430 -1.07 -31.52 -2.19
CA PRO B 430 0.01 -31.87 -1.25
C PRO B 430 0.62 -33.25 -1.43
N GLU B 431 -0.17 -34.27 -1.76
CA GLU B 431 0.39 -35.61 -1.95
C GLU B 431 1.34 -35.64 -3.15
N ALA B 432 0.88 -35.13 -4.29
CA ALA B 432 1.72 -35.08 -5.48
C ALA B 432 2.91 -34.14 -5.26
N ASN B 433 2.70 -33.05 -4.53
CA ASN B 433 3.79 -32.13 -4.25
C ASN B 433 4.86 -32.80 -3.41
N ARG B 434 4.47 -33.58 -2.40
CA ARG B 434 5.43 -34.31 -1.59
C ARG B 434 6.16 -35.36 -2.41
N ILE B 435 5.45 -36.05 -3.30
CA ILE B 435 6.12 -37.03 -4.15
C ILE B 435 7.15 -36.36 -5.05
N TYR B 436 6.78 -35.24 -5.66
CA TYR B 436 7.71 -34.50 -6.50
C TYR B 436 8.93 -34.03 -5.71
N TYR B 437 8.70 -33.54 -4.49
CA TYR B 437 9.82 -33.10 -3.65
C TYR B 437 10.73 -34.25 -3.29
N LEU B 438 10.16 -35.43 -3.01
CA LEU B 438 10.98 -36.59 -2.70
C LEU B 438 11.83 -37.00 -3.91
N THR B 439 11.25 -36.95 -5.11
CA THR B 439 12.05 -37.27 -6.30
C THR B 439 13.15 -36.24 -6.54
N VAL B 440 12.91 -34.98 -6.17
CA VAL B 440 13.91 -33.93 -6.35
C VAL B 440 14.99 -34.04 -5.29
N GLY C 96 -1.30 23.29 -38.79
CA GLY C 96 -0.27 22.33 -39.15
C GLY C 96 0.89 22.33 -38.19
N TYR C 97 1.48 23.51 -37.98
CA TYR C 97 2.56 23.67 -37.03
C TYR C 97 2.07 23.75 -35.60
N LEU C 98 0.76 23.82 -35.38
CA LEU C 98 0.19 23.97 -34.04
C LEU C 98 -0.35 22.66 -33.47
N THR C 99 -0.62 21.67 -34.30
CA THR C 99 -1.20 20.43 -33.84
C THR C 99 -0.11 19.48 -33.37
N GLY C 100 -0.51 18.27 -32.96
CA GLY C 100 0.46 17.29 -32.50
C GLY C 100 1.17 17.79 -31.26
N ASP C 101 2.49 17.60 -31.23
CA ASP C 101 3.32 18.05 -30.12
C ASP C 101 4.21 19.22 -30.51
N MET C 102 3.98 19.83 -31.67
CA MET C 102 4.78 20.96 -32.15
C MET C 102 6.26 20.62 -32.20
N LYS C 103 6.58 19.58 -32.98
CA LYS C 103 7.97 19.16 -33.14
C LYS C 103 8.80 20.23 -33.83
N GLU C 104 8.24 20.88 -34.85
CA GLU C 104 8.97 21.93 -35.54
C GLU C 104 9.29 23.10 -34.62
N TYR C 105 8.33 23.48 -33.78
CA TYR C 105 8.57 24.55 -32.82
C TYR C 105 9.64 24.15 -31.80
N ARG C 106 9.61 22.88 -31.36
CA ARG C 106 10.63 22.41 -30.44
C ARG C 106 12.02 22.49 -31.07
N ILE C 107 12.13 22.07 -32.34
CA ILE C 107 13.41 22.15 -33.03
C ILE C 107 13.86 23.60 -33.16
N TRP C 108 12.95 24.49 -33.55
CA TRP C 108 13.29 25.90 -33.73
C TRP C 108 13.63 26.59 -32.41
N LEU C 109 13.13 26.08 -31.29
CA LEU C 109 13.40 26.69 -30.00
C LEU C 109 14.58 26.08 -29.26
N LYS C 110 15.04 24.89 -29.69
CA LYS C 110 16.15 24.25 -29.01
C LYS C 110 17.44 25.07 -29.10
N ASP C 111 17.43 26.14 -29.89
CA ASP C 111 18.59 27.00 -30.03
C ASP C 111 18.31 28.46 -29.67
N LYS C 112 17.20 28.75 -29.00
CA LYS C 112 16.91 30.11 -28.55
C LYS C 112 17.43 30.32 -27.13
N HIS C 113 17.03 31.42 -26.51
CA HIS C 113 17.45 31.75 -25.16
C HIS C 113 16.89 30.74 -24.15
N LEU C 114 17.61 30.58 -23.05
CA LEU C 114 17.19 29.63 -22.02
C LEU C 114 15.87 30.04 -21.38
N ALA C 115 15.59 31.34 -21.28
CA ALA C 115 14.32 31.77 -20.70
C ALA C 115 13.14 31.33 -21.55
N LEU C 116 13.26 31.48 -22.88
CA LEU C 116 12.19 31.03 -23.77
C LEU C 116 12.00 29.53 -23.69
N GLN C 117 13.11 28.78 -23.62
CA GLN C 117 13.01 27.34 -23.47
C GLN C 117 12.33 26.96 -22.17
N PHE C 118 12.65 27.66 -21.08
CA PHE C 118 12.01 27.38 -19.81
C PHE C 118 10.52 27.68 -19.85
N ILE C 119 10.14 28.78 -20.49
CA ILE C 119 8.73 29.11 -20.64
C ILE C 119 8.02 28.01 -21.44
N ASP C 120 8.66 27.52 -22.49
CA ASP C 120 8.10 26.43 -23.26
C ASP C 120 7.93 25.18 -22.42
N TRP C 121 8.94 24.85 -21.60
CA TRP C 121 8.83 23.68 -20.74
C TRP C 121 7.70 23.84 -19.74
N VAL C 122 7.52 25.04 -19.21
CA VAL C 122 6.43 25.27 -18.26
C VAL C 122 5.07 25.12 -18.94
N LEU C 123 4.92 25.65 -20.15
CA LEU C 123 3.66 25.50 -20.87
C LEU C 123 3.39 24.04 -21.20
N ARG C 124 4.42 23.31 -21.62
CA ARG C 124 4.24 21.89 -21.92
C ARG C 124 3.91 21.10 -20.65
N GLY C 125 4.51 21.48 -19.53
CA GLY C 125 4.14 20.83 -18.26
C GLY C 125 2.71 21.12 -17.87
N THR C 126 2.24 22.34 -18.13
CA THR C 126 0.84 22.66 -17.90
C THR C 126 -0.06 21.78 -18.75
N ALA C 127 0.30 21.59 -20.02
CA ALA C 127 -0.55 20.81 -20.91
C ALA C 127 -0.46 19.32 -20.60
N GLN C 128 0.64 18.85 -20.04
CA GLN C 128 0.86 17.42 -19.84
C GLN C 128 -0.01 16.82 -18.74
N VAL C 129 -0.76 17.64 -18.01
CA VAL C 129 -1.72 17.09 -17.06
C VAL C 129 -2.71 16.19 -17.77
N MET C 130 -3.14 16.59 -18.97
CA MET C 130 -4.03 15.80 -19.80
C MET C 130 -3.29 15.12 -20.94
N PHE C 131 -2.05 14.70 -20.71
CA PHE C 131 -1.23 13.94 -21.66
C PHE C 131 -0.93 14.70 -22.94
N ILE C 132 -0.95 16.01 -22.90
CA ILE C 132 -0.73 16.83 -24.08
C ILE C 132 0.66 17.45 -23.99
N ASN C 133 1.51 17.15 -24.97
CA ASN C 133 2.83 17.75 -25.06
C ASN C 133 2.83 18.91 -26.06
N ASN C 134 2.05 19.93 -25.76
CA ASN C 134 1.86 21.04 -26.67
C ASN C 134 1.90 22.36 -25.90
N PRO C 135 2.78 23.29 -26.28
CA PRO C 135 2.84 24.56 -25.54
C PRO C 135 1.65 25.47 -25.81
N LEU C 136 1.09 25.45 -27.01
CA LEU C 136 -0.11 26.24 -27.27
C LEU C 136 -1.28 25.73 -26.45
N SER C 137 -1.41 24.41 -26.32
CA SER C 137 -2.43 23.84 -25.46
C SER C 137 -2.20 24.25 -24.00
N GLY C 138 -0.94 24.31 -23.58
CA GLY C 138 -0.65 24.78 -22.23
C GLY C 138 -1.04 26.23 -22.03
N LEU C 139 -0.81 27.07 -23.03
CA LEU C 139 -1.23 28.46 -22.95
C LEU C 139 -2.75 28.58 -22.85
N ILE C 140 -3.45 27.79 -23.66
CA ILE C 140 -4.91 27.81 -23.60
C ILE C 140 -5.42 27.32 -22.25
N ILE C 141 -4.75 26.32 -21.69
CA ILE C 141 -5.12 25.83 -20.35
C ILE C 141 -4.85 26.90 -19.30
N PHE C 142 -3.77 27.65 -19.46
CA PHE C 142 -3.51 28.77 -18.54
C PHE C 142 -4.60 29.83 -18.65
N ILE C 143 -5.07 30.11 -19.86
CA ILE C 143 -6.18 31.05 -20.03
C ILE C 143 -7.42 30.53 -19.33
N GLY C 144 -7.71 29.23 -19.48
CA GLY C 144 -8.87 28.65 -18.80
C GLY C 144 -8.75 28.75 -17.29
N LEU C 145 -7.55 28.51 -16.76
CA LEU C 145 -7.34 28.63 -15.32
C LEU C 145 -7.51 30.06 -14.86
N LEU C 146 -7.04 31.02 -15.64
CA LEU C 146 -7.28 32.42 -15.32
C LEU C 146 -8.76 32.73 -15.30
N ILE C 147 -9.52 32.12 -16.21
CA ILE C 147 -10.98 32.28 -16.19
C ILE C 147 -11.55 31.72 -14.90
N GLN C 148 -11.09 30.53 -14.48
CA GLN C 148 -11.55 29.94 -13.24
C GLN C 148 -11.15 30.77 -12.02
N ASN C 149 -9.86 30.88 -11.75
CA ASN C 149 -9.37 31.59 -10.58
C ASN C 149 -7.93 32.05 -10.80
N PRO C 150 -7.68 33.35 -10.87
CA PRO C 150 -6.28 33.82 -11.01
C PRO C 150 -5.37 33.40 -9.87
N TRP C 151 -5.89 33.30 -8.64
CA TRP C 151 -5.06 32.84 -7.54
C TRP C 151 -4.64 31.38 -7.72
N TRP C 152 -5.58 30.54 -8.16
CA TRP C 152 -5.23 29.16 -8.48
C TRP C 152 -4.23 29.11 -9.63
N THR C 153 -4.36 30.02 -10.59
CA THR C 153 -3.38 30.11 -11.66
C THR C 153 -2.00 30.43 -11.11
N ILE C 154 -1.92 31.37 -10.16
CA ILE C 154 -0.63 31.72 -9.57
C ILE C 154 -0.03 30.53 -8.86
N THR C 155 -0.82 29.84 -8.04
CA THR C 155 -0.29 28.70 -7.30
C THR C 155 0.14 27.57 -8.23
N GLY C 156 -0.67 27.27 -9.25
CA GLY C 156 -0.30 26.23 -10.18
C GLY C 156 0.91 26.57 -11.02
N GLY C 157 1.01 27.81 -11.48
CA GLY C 157 2.18 28.22 -12.22
C GLY C 157 3.44 28.18 -11.38
N LEU C 158 3.35 28.61 -10.12
CA LEU C 158 4.49 28.50 -9.23
C LEU C 158 4.87 27.04 -9.00
N GLY C 159 3.87 26.17 -8.84
CA GLY C 159 4.17 24.75 -8.70
C GLY C 159 4.88 24.18 -9.91
N THR C 160 4.42 24.54 -11.12
CA THR C 160 5.06 24.08 -12.34
C THR C 160 6.49 24.58 -12.42
N VAL C 161 6.70 25.86 -12.14
CA VAL C 161 8.04 26.44 -12.24
C VAL C 161 8.97 25.77 -11.24
N VAL C 162 8.51 25.59 -10.01
CA VAL C 162 9.34 24.99 -8.97
C VAL C 162 9.65 23.54 -9.29
N SER C 163 8.66 22.80 -9.80
CA SER C 163 8.90 21.40 -10.16
C SER C 163 9.91 21.29 -11.29
N THR C 164 9.78 22.13 -12.32
CA THR C 164 10.74 22.10 -13.42
C THR C 164 12.13 22.48 -12.95
N LEU C 165 12.24 23.52 -12.12
CA LEU C 165 13.54 23.94 -11.62
C LEU C 165 14.19 22.86 -10.75
N THR C 166 13.38 22.19 -9.92
CA THR C 166 13.91 21.11 -9.10
C THR C 166 14.37 19.94 -9.95
N ALA C 167 13.62 19.61 -11.00
CA ALA C 167 14.05 18.57 -11.91
C ALA C 167 15.37 18.93 -12.59
N LEU C 168 15.51 20.19 -12.99
CA LEU C 168 16.78 20.63 -13.56
C LEU C 168 17.91 20.53 -12.55
N ALA C 169 17.67 20.96 -11.31
CA ALA C 169 18.72 20.94 -10.29
C ALA C 169 19.10 19.51 -9.91
N LEU C 170 18.17 18.57 -9.99
CA LEU C 170 18.45 17.19 -9.66
C LEU C 170 18.99 16.40 -10.84
N GLY C 171 19.27 17.06 -11.96
CA GLY C 171 19.86 16.39 -13.09
C GLY C 171 18.98 15.32 -13.69
N GLN C 172 17.69 15.59 -13.83
CA GLN C 172 16.79 14.66 -14.48
C GLN C 172 16.99 14.71 -15.99
N ASP C 173 16.38 13.74 -16.68
CA ASP C 173 16.54 13.64 -18.12
C ASP C 173 16.05 14.91 -18.80
N ARG C 174 16.97 15.58 -19.51
CA ARG C 174 16.63 16.85 -20.15
C ARG C 174 15.52 16.68 -21.17
N SER C 175 15.46 15.53 -21.84
CA SER C 175 14.38 15.28 -22.79
C SER C 175 13.04 15.24 -22.08
N ALA C 176 12.98 14.60 -20.91
CA ALA C 176 11.74 14.56 -20.14
C ALA C 176 11.35 15.95 -19.64
N ILE C 177 12.33 16.73 -19.18
CA ILE C 177 12.04 18.08 -18.72
C ILE C 177 11.52 18.94 -19.86
N ALA C 178 12.13 18.83 -21.04
CA ALA C 178 11.74 19.67 -22.16
C ALA C 178 10.35 19.32 -22.68
N SER C 179 9.85 18.11 -22.41
CA SER C 179 8.51 17.72 -22.83
C SER C 179 7.47 17.99 -21.75
N GLY C 180 7.85 18.62 -20.65
CA GLY C 180 6.91 18.95 -19.60
C GLY C 180 6.56 17.80 -18.69
N LEU C 181 7.31 16.71 -18.72
CA LEU C 181 7.00 15.55 -17.89
C LEU C 181 7.39 15.74 -16.44
N HIS C 182 8.04 16.85 -16.10
CA HIS C 182 8.43 17.13 -14.72
C HIS C 182 7.77 18.41 -14.20
N GLY C 183 6.74 18.88 -14.86
CA GLY C 183 6.10 20.11 -14.44
C GLY C 183 4.62 19.97 -14.14
N TYR C 184 3.99 18.93 -14.67
CA TYR C 184 2.55 18.78 -14.49
C TYR C 184 2.19 18.31 -13.09
N ASN C 185 3.03 17.49 -12.46
CA ASN C 185 2.76 17.08 -11.10
C ASN C 185 2.84 18.27 -10.15
N GLY C 186 3.85 19.12 -10.32
CA GLY C 186 3.91 20.33 -9.53
C GLY C 186 2.77 21.29 -9.82
N MET C 187 2.34 21.35 -11.09
CA MET C 187 1.18 22.13 -11.45
C MET C 187 -0.04 21.69 -10.66
N LEU C 188 -0.31 20.39 -10.66
CA LEU C 188 -1.44 19.86 -9.91
C LEU C 188 -1.28 20.09 -8.43
N VAL C 189 -0.06 19.96 -7.92
CA VAL C 189 0.19 20.19 -6.50
C VAL C 189 -0.21 21.61 -6.12
N GLY C 190 0.29 22.60 -6.86
CA GLY C 190 -0.06 23.98 -6.55
C GLY C 190 -1.54 24.23 -6.69
N LEU C 191 -2.14 23.75 -7.77
CA LEU C 191 -3.55 23.99 -8.01
C LEU C 191 -4.42 23.42 -6.90
N LEU C 192 -4.16 22.18 -6.50
CA LEU C 192 -5.02 21.52 -5.53
C LEU C 192 -4.72 21.91 -4.09
N MET C 193 -3.51 22.39 -3.77
CA MET C 193 -3.37 23.00 -2.45
C MET C 193 -3.99 24.40 -2.40
N ALA C 194 -4.15 25.04 -3.55
CA ALA C 194 -4.96 26.27 -3.55
C ALA C 194 -6.44 25.96 -3.44
N VAL C 195 -6.90 24.91 -4.13
CA VAL C 195 -8.31 24.57 -4.15
C VAL C 195 -8.79 24.15 -2.76
N PHE C 196 -8.01 23.30 -2.08
CA PHE C 196 -8.40 22.74 -0.80
C PHE C 196 -7.84 23.53 0.38
N SER C 197 -7.68 24.83 0.23
CA SER C 197 -7.25 25.70 1.31
C SER C 197 -8.46 26.39 1.91
N GLU C 198 -8.60 26.31 3.23
CA GLU C 198 -9.71 26.98 3.89
C GLU C 198 -9.50 28.48 4.01
N LYS C 199 -8.29 28.97 3.72
CA LYS C 199 -8.05 30.39 3.69
C LYS C 199 -8.62 31.01 2.43
N LEU C 200 -8.64 32.33 2.38
CA LEU C 200 -9.21 33.04 1.24
C LEU C 200 -8.22 33.04 0.08
N ASP C 201 -8.63 33.66 -1.02
CA ASP C 201 -7.75 33.79 -2.17
C ASP C 201 -6.61 34.76 -1.85
N TYR C 202 -5.50 34.59 -2.56
CA TYR C 202 -4.31 35.43 -2.40
C TYR C 202 -3.80 35.40 -0.97
N TYR C 203 -3.85 34.22 -0.36
CA TYR C 203 -3.19 33.95 0.91
C TYR C 203 -1.74 33.60 0.58
N TRP C 204 -0.90 34.64 0.49
CA TRP C 204 0.43 34.48 -0.09
C TRP C 204 1.27 33.49 0.70
N TRP C 205 1.00 33.32 1.99
CA TRP C 205 1.77 32.38 2.78
C TRP C 205 1.64 30.95 2.26
N LEU C 206 0.53 30.64 1.59
CA LEU C 206 0.35 29.33 1.01
C LEU C 206 1.41 29.03 -0.04
N LEU C 207 2.08 30.05 -0.58
CA LEU C 207 3.16 29.79 -1.52
C LEU C 207 4.35 29.12 -0.85
N PHE C 208 4.53 29.30 0.46
CA PHE C 208 5.63 28.62 1.15
C PHE C 208 5.45 27.10 1.14
N PRO C 209 4.31 26.53 1.57
CA PRO C 209 4.17 25.08 1.42
C PRO C 209 4.14 24.63 -0.03
N VAL C 210 3.44 25.34 -0.91
CA VAL C 210 3.32 24.91 -2.31
C VAL C 210 4.69 24.59 -2.88
N THR C 211 5.57 25.59 -2.90
CA THR C 211 6.94 25.41 -3.35
C THR C 211 7.55 24.13 -2.80
N PHE C 212 7.49 23.98 -1.47
CA PHE C 212 8.10 22.82 -0.83
C PHE C 212 7.55 21.52 -1.41
N THR C 213 6.23 21.37 -1.45
CA THR C 213 5.73 20.10 -1.94
C THR C 213 5.71 20.06 -3.46
N ALA C 214 6.03 21.16 -4.14
CA ALA C 214 6.34 21.07 -5.55
C ALA C 214 7.78 20.62 -5.78
N MET C 215 8.66 20.80 -4.80
CA MET C 215 10.02 20.31 -4.91
C MET C 215 10.09 18.79 -4.75
N SER C 216 9.13 18.21 -4.04
CA SER C 216 9.12 16.76 -3.86
C SER C 216 8.60 16.01 -5.08
N CYS C 217 7.90 16.69 -5.98
CA CYS C 217 7.35 16.01 -7.15
C CYS C 217 8.42 15.41 -8.05
N PRO C 218 9.51 16.11 -8.39
CA PRO C 218 10.57 15.44 -9.16
C PRO C 218 11.17 14.25 -8.41
N VAL C 219 11.57 14.46 -7.16
CA VAL C 219 12.14 13.38 -6.35
C VAL C 219 11.25 12.14 -6.43
N LEU C 220 9.99 12.30 -6.02
CA LEU C 220 9.04 11.19 -6.08
C LEU C 220 9.04 10.55 -7.45
N SER C 221 8.92 11.36 -8.51
CA SER C 221 8.91 10.81 -9.86
C SER C 221 10.13 9.94 -10.08
N SER C 222 11.32 10.48 -9.79
CA SER C 222 12.54 9.71 -9.94
C SER C 222 12.43 8.40 -9.20
N ALA C 223 12.06 8.46 -7.92
CA ALA C 223 11.96 7.24 -7.13
C ALA C 223 10.99 6.27 -7.77
N LEU C 224 9.82 6.76 -8.16
CA LEU C 224 8.84 5.88 -8.76
C LEU C 224 9.33 5.34 -10.09
N ASN C 225 10.07 6.17 -10.85
CA ASN C 225 10.60 5.70 -12.11
C ASN C 225 11.65 4.61 -11.90
N SER C 226 12.26 4.54 -10.71
CA SER C 226 13.17 3.44 -10.46
C SER C 226 12.44 2.10 -10.41
N ILE C 227 11.17 2.12 -10.09
CA ILE C 227 10.37 0.90 -10.04
C ILE C 227 9.57 0.70 -11.33
N PHE C 228 8.81 1.72 -11.72
CA PHE C 228 7.85 1.54 -12.81
C PHE C 228 8.54 1.29 -14.14
N SER C 229 9.76 1.82 -14.33
CA SER C 229 10.48 1.55 -15.56
C SER C 229 10.78 0.07 -15.73
N LYS C 230 10.84 -0.69 -14.64
CA LYS C 230 11.06 -2.12 -14.73
C LYS C 230 9.84 -2.83 -15.31
N TRP C 231 8.69 -2.18 -15.36
CA TRP C 231 7.51 -2.68 -16.04
C TRP C 231 7.11 -1.81 -17.22
N ASP C 232 7.96 -0.85 -17.61
CA ASP C 232 7.68 0.07 -18.71
C ASP C 232 6.38 0.84 -18.47
N LEU C 233 6.17 1.27 -17.24
CA LEU C 233 4.97 2.01 -16.86
C LEU C 233 5.30 3.48 -16.63
N PRO C 234 4.36 4.37 -16.93
CA PRO C 234 4.54 5.77 -16.57
C PRO C 234 4.14 6.02 -15.11
N VAL C 235 4.66 7.13 -14.57
CA VAL C 235 4.19 7.60 -13.28
C VAL C 235 3.16 8.70 -13.48
N PHE C 236 1.89 8.31 -13.59
CA PHE C 236 0.85 9.16 -14.19
C PHE C 236 0.72 10.44 -13.37
N THR C 237 0.19 10.36 -12.16
CA THR C 237 0.11 11.46 -11.22
C THR C 237 0.40 10.98 -9.81
N LEU C 238 1.03 9.82 -9.68
CA LEU C 238 1.41 9.32 -8.36
C LEU C 238 2.31 10.29 -7.59
N PRO C 239 3.28 10.99 -8.19
CA PRO C 239 3.99 12.01 -7.43
C PRO C 239 3.07 13.07 -6.84
N PHE C 240 2.18 13.63 -7.67
CA PHE C 240 1.25 14.63 -7.16
C PHE C 240 0.32 14.03 -6.11
N ASN C 241 -0.18 12.83 -6.34
CA ASN C 241 -1.13 12.22 -5.40
C ASN C 241 -0.47 11.98 -4.05
N ILE C 242 0.73 11.40 -4.06
CA ILE C 242 1.46 11.17 -2.81
C ILE C 242 1.73 12.49 -2.12
N ALA C 243 2.27 13.47 -2.85
CA ALA C 243 2.66 14.73 -2.22
C ALA C 243 1.46 15.46 -1.64
N VAL C 244 0.36 15.55 -2.40
CA VAL C 244 -0.79 16.31 -1.94
C VAL C 244 -1.53 15.58 -0.84
N THR C 245 -1.60 14.24 -0.90
CA THR C 245 -2.23 13.50 0.20
C THR C 245 -1.43 13.69 1.48
N LEU C 246 -0.11 13.61 1.40
CA LEU C 246 0.72 13.83 2.59
C LEU C 246 0.56 15.25 3.10
N TYR C 247 0.52 16.25 2.21
CA TYR C 247 0.38 17.62 2.66
C TYR C 247 -0.96 17.85 3.35
N LEU C 248 -2.04 17.37 2.73
CA LEU C 248 -3.37 17.62 3.28
C LEU C 248 -3.63 16.81 4.53
N ALA C 249 -2.96 15.67 4.70
CA ALA C 249 -3.05 14.95 5.97
C ALA C 249 -2.20 15.61 7.04
N ALA C 250 -1.03 16.13 6.68
CA ALA C 250 -0.15 16.77 7.64
C ALA C 250 -0.76 18.05 8.19
N THR C 251 -1.35 18.87 7.32
CA THR C 251 -1.97 20.10 7.79
C THR C 251 -3.36 19.84 8.35
N GLY C 252 -4.26 19.33 7.52
CA GLY C 252 -5.60 19.03 7.97
C GLY C 252 -6.46 20.26 8.09
N HIS C 253 -7.70 20.03 8.53
CA HIS C 253 -8.66 21.11 8.66
C HIS C 253 -8.37 22.03 9.84
N TYR C 254 -7.64 21.54 10.84
CA TYR C 254 -7.45 22.28 12.08
C TYR C 254 -6.04 22.87 12.21
N ASN C 255 -5.30 22.94 11.11
CA ASN C 255 -4.00 23.58 11.14
C ASN C 255 -4.17 25.08 11.33
N LEU C 256 -3.25 25.68 12.10
CA LEU C 256 -3.34 27.11 12.37
C LEU C 256 -2.87 27.95 11.18
N PHE C 257 -1.84 27.49 10.48
CA PHE C 257 -1.25 28.27 9.39
C PHE C 257 -1.92 27.96 8.05
N PHE C 258 -2.09 26.68 7.73
CA PHE C 258 -2.60 26.24 6.44
C PHE C 258 -3.75 25.27 6.64
N PRO C 259 -4.90 25.74 7.11
CA PRO C 259 -6.05 24.84 7.26
C PRO C 259 -6.62 24.45 5.91
N THR C 260 -7.02 23.20 5.80
CA THR C 260 -7.64 22.70 4.59
C THR C 260 -9.16 22.63 4.77
N THR C 261 -9.86 22.49 3.65
CA THR C 261 -11.31 22.36 3.71
C THR C 261 -11.71 21.06 4.39
N LEU C 262 -12.88 21.09 5.03
CA LEU C 262 -13.35 19.93 5.78
C LEU C 262 -13.88 18.87 4.81
N VAL C 263 -13.29 17.68 4.87
CA VAL C 263 -13.75 16.53 4.12
C VAL C 263 -14.25 15.51 5.12
N GLU C 264 -15.51 15.11 4.98
CA GLU C 264 -16.12 14.22 5.94
C GLU C 264 -16.82 13.07 5.23
N PRO C 265 -16.86 11.90 5.86
CA PRO C 265 -17.57 10.77 5.26
C PRO C 265 -19.08 10.97 5.27
N VAL C 266 -19.74 10.29 4.34
CA VAL C 266 -21.19 10.34 4.26
C VAL C 266 -21.77 9.53 5.41
N SER C 267 -22.76 10.10 6.09
CA SER C 267 -23.33 9.48 7.27
C SER C 267 -24.84 9.27 7.20
N SER C 268 -25.45 9.50 6.04
CA SER C 268 -26.89 9.31 5.90
C SER C 268 -27.22 8.99 4.46
N VAL C 269 -28.37 8.34 4.28
CA VAL C 269 -28.81 7.95 2.93
C VAL C 269 -29.29 9.19 2.18
N PRO C 270 -28.79 9.47 0.98
CA PRO C 270 -29.27 10.63 0.23
C PRO C 270 -30.72 10.45 -0.18
N ASN C 271 -31.41 11.58 -0.30
CA ASN C 271 -32.79 11.61 -0.77
C ASN C 271 -32.76 12.02 -2.24
N ILE C 272 -32.93 11.04 -3.12
CA ILE C 272 -32.86 11.26 -4.56
C ILE C 272 -34.25 11.07 -5.12
N THR C 273 -34.83 12.16 -5.63
CA THR C 273 -36.08 12.09 -6.37
C THR C 273 -35.74 12.37 -7.84
N TRP C 274 -35.99 11.38 -8.69
CA TRP C 274 -35.47 11.41 -10.05
C TRP C 274 -36.21 12.36 -10.97
N THR C 275 -37.18 13.11 -10.46
CA THR C 275 -37.89 14.09 -11.26
C THR C 275 -37.29 15.49 -11.19
N GLU C 276 -36.28 15.71 -10.35
CA GLU C 276 -35.58 16.99 -10.31
C GLU C 276 -34.25 16.95 -11.04
N MET C 277 -34.01 15.93 -11.86
CA MET C 277 -32.85 15.94 -12.72
C MET C 277 -32.94 17.12 -13.69
N GLU C 278 -31.87 17.89 -13.78
CA GLU C 278 -31.79 19.02 -14.70
C GLU C 278 -30.90 18.62 -15.86
N MET C 279 -31.52 18.38 -17.02
CA MET C 279 -30.74 18.03 -18.20
C MET C 279 -29.70 19.09 -18.57
N PRO C 280 -29.99 20.40 -18.52
CA PRO C 280 -28.91 21.37 -18.76
C PRO C 280 -27.72 21.20 -17.83
N LEU C 281 -27.96 20.94 -16.54
CA LEU C 281 -26.84 20.78 -15.62
C LEU C 281 -26.11 19.46 -15.85
N LEU C 282 -26.85 18.40 -16.20
CA LEU C 282 -26.21 17.14 -16.52
C LEU C 282 -25.31 17.28 -17.75
N LEU C 283 -25.76 18.00 -18.76
CA LEU C 283 -24.92 18.27 -19.92
C LEU C 283 -23.74 19.15 -19.56
N GLN C 284 -23.97 20.17 -18.73
CA GLN C 284 -22.88 21.05 -18.30
C GLN C 284 -21.82 20.29 -17.52
N ALA C 285 -22.20 19.17 -16.90
CA ALA C 285 -21.24 18.41 -16.12
C ALA C 285 -20.18 17.71 -16.97
N ILE C 286 -20.34 17.69 -18.29
CA ILE C 286 -19.32 17.08 -19.16
C ILE C 286 -18.11 18.01 -19.26
N PRO C 287 -18.25 19.26 -19.71
CA PRO C 287 -17.07 20.14 -19.67
C PRO C 287 -16.58 20.41 -18.25
N VAL C 288 -17.47 20.46 -17.27
CA VAL C 288 -17.03 20.61 -15.89
C VAL C 288 -16.24 19.39 -15.44
N GLY C 289 -16.68 18.20 -15.85
CA GLY C 289 -15.93 17.00 -15.54
C GLY C 289 -14.56 17.00 -16.17
N VAL C 290 -14.45 17.55 -17.39
CA VAL C 290 -13.14 17.68 -18.02
C VAL C 290 -12.28 18.68 -17.27
N GLY C 291 -12.87 19.82 -16.88
CA GLY C 291 -12.12 20.85 -16.21
C GLY C 291 -11.69 20.49 -14.80
N GLN C 292 -12.38 19.54 -14.17
CA GLN C 292 -12.04 19.17 -12.80
C GLN C 292 -10.74 18.38 -12.71
N VAL C 293 -10.11 18.03 -13.84
CA VAL C 293 -8.79 17.41 -13.75
C VAL C 293 -7.79 18.42 -13.22
N TYR C 294 -8.04 19.71 -13.40
CA TYR C 294 -7.25 20.78 -12.81
C TYR C 294 -7.88 21.35 -11.56
N GLY C 295 -8.95 20.74 -11.06
CA GLY C 295 -9.65 21.27 -9.90
C GLY C 295 -10.58 22.42 -10.18
N CYS C 296 -10.94 22.66 -11.43
CA CYS C 296 -11.75 23.80 -11.83
C CYS C 296 -13.19 23.35 -12.09
N ASP C 297 -14.15 24.08 -11.50
CA ASP C 297 -15.56 23.78 -11.66
C ASP C 297 -16.28 24.73 -12.63
N ASN C 298 -15.56 25.66 -13.24
CA ASN C 298 -16.19 26.56 -14.20
C ASN C 298 -16.46 25.81 -15.51
N PRO C 299 -17.70 25.82 -16.01
CA PRO C 299 -17.94 25.18 -17.32
C PRO C 299 -17.16 25.80 -18.46
N TRP C 300 -16.97 27.12 -18.44
CA TRP C 300 -16.16 27.76 -19.47
C TRP C 300 -14.73 27.30 -19.42
N THR C 301 -14.20 27.10 -18.21
CA THR C 301 -12.85 26.56 -18.07
C THR C 301 -12.75 25.17 -18.70
N GLY C 302 -13.76 24.33 -18.49
CA GLY C 302 -13.76 23.02 -19.09
C GLY C 302 -13.86 23.07 -20.61
N GLY C 303 -14.68 23.97 -21.14
CA GLY C 303 -14.74 24.13 -22.58
C GLY C 303 -13.42 24.60 -23.17
N VAL C 304 -12.76 25.53 -22.48
CA VAL C 304 -11.44 25.98 -22.92
C VAL C 304 -10.44 24.83 -22.87
N PHE C 305 -10.54 23.98 -21.86
CA PHE C 305 -9.67 22.81 -21.79
C PHE C 305 -9.94 21.86 -22.95
N LEU C 306 -11.21 21.69 -23.32
CA LEU C 306 -11.52 20.85 -24.47
C LEU C 306 -10.94 21.44 -25.75
N VAL C 307 -11.01 22.75 -25.91
CA VAL C 307 -10.38 23.40 -27.07
C VAL C 307 -8.88 23.15 -27.06
N ALA C 308 -8.25 23.25 -25.91
CA ALA C 308 -6.81 23.00 -25.80
C ALA C 308 -6.48 21.56 -26.17
N LEU C 309 -7.32 20.61 -25.75
CA LEU C 309 -7.12 19.22 -26.14
C LEU C 309 -7.27 19.03 -27.64
N PHE C 310 -8.28 19.67 -28.23
CA PHE C 310 -8.54 19.50 -29.66
C PHE C 310 -7.42 20.10 -30.49
N ILE C 311 -6.80 21.18 -30.03
CA ILE C 311 -5.70 21.79 -30.77
C ILE C 311 -4.59 20.78 -31.00
N SER C 312 -4.27 19.99 -29.99
CA SER C 312 -3.20 19.02 -30.11
C SER C 312 -3.68 17.74 -30.81
N SER C 313 -4.69 17.09 -30.25
CA SER C 313 -5.15 15.81 -30.78
C SER C 313 -6.66 15.69 -30.64
N PRO C 314 -7.40 15.69 -31.76
CA PRO C 314 -8.86 15.51 -31.66
C PRO C 314 -9.28 14.23 -30.98
N LEU C 315 -8.50 13.16 -31.11
CA LEU C 315 -8.85 11.90 -30.44
C LEU C 315 -8.77 12.05 -28.93
N ILE C 316 -7.81 12.83 -28.43
CA ILE C 316 -7.71 13.06 -27.00
C ILE C 316 -8.94 13.83 -26.51
N CYS C 317 -9.37 14.85 -27.25
CA CYS C 317 -10.57 15.59 -26.88
C CYS C 317 -11.79 14.68 -26.87
N LEU C 318 -11.92 13.83 -27.90
CA LEU C 318 -13.07 12.92 -27.96
C LEU C 318 -13.07 11.97 -26.79
N HIS C 319 -11.91 11.40 -26.46
CA HIS C 319 -11.86 10.46 -25.35
C HIS C 319 -12.06 11.16 -24.01
N ALA C 320 -11.66 12.42 -23.89
CA ALA C 320 -11.95 13.17 -22.67
C ALA C 320 -13.45 13.38 -22.49
N ALA C 321 -14.13 13.77 -23.56
CA ALA C 321 -15.58 13.95 -23.46
C ALA C 321 -16.27 12.64 -23.15
N ILE C 322 -15.83 11.55 -23.80
CA ILE C 322 -16.45 10.24 -23.56
C ILE C 322 -16.19 9.78 -22.13
N GLY C 323 -15.00 10.04 -21.60
CA GLY C 323 -14.73 9.69 -20.21
C GLY C 323 -15.58 10.47 -19.24
N SER C 324 -15.81 11.75 -19.52
CA SER C 324 -16.70 12.54 -18.69
C SER C 324 -18.12 11.95 -18.71
N ILE C 325 -18.60 11.59 -19.89
CA ILE C 325 -19.93 11.00 -19.99
C ILE C 325 -20.00 9.68 -19.25
N VAL C 326 -18.96 8.86 -19.35
CA VAL C 326 -18.93 7.58 -18.66
C VAL C 326 -18.95 7.79 -17.15
N GLY C 327 -18.22 8.78 -16.66
CA GLY C 327 -18.26 9.08 -15.24
C GLY C 327 -19.66 9.49 -14.77
N LEU C 328 -20.34 10.32 -15.57
CA LEU C 328 -21.70 10.71 -15.20
C LEU C 328 -22.63 9.50 -15.19
N LEU C 329 -22.49 8.62 -16.18
CA LEU C 329 -23.35 7.44 -16.24
C LEU C 329 -23.11 6.53 -15.04
N ALA C 330 -21.85 6.36 -14.64
CA ALA C 330 -21.56 5.56 -13.46
C ALA C 330 -22.16 6.18 -12.20
N ALA C 331 -22.02 7.51 -12.06
CA ALA C 331 -22.59 8.19 -10.92
C ALA C 331 -24.09 7.99 -10.85
N LEU C 332 -24.77 8.08 -11.99
CA LEU C 332 -26.20 7.78 -12.00
C LEU C 332 -26.47 6.31 -11.69
N SER C 333 -25.56 5.42 -12.10
CA SER C 333 -25.77 3.99 -11.90
C SER C 333 -25.75 3.62 -10.41
N VAL C 334 -24.91 4.26 -9.61
CA VAL C 334 -24.86 3.95 -8.18
C VAL C 334 -25.65 4.96 -7.34
N ALA C 335 -26.60 5.67 -7.95
CA ALA C 335 -27.51 6.56 -7.24
C ALA C 335 -26.75 7.63 -6.44
N THR C 336 -25.95 8.41 -7.16
CA THR C 336 -25.28 9.55 -6.57
C THR C 336 -26.22 10.75 -6.56
N PRO C 337 -26.21 11.55 -5.48
CA PRO C 337 -27.02 12.77 -5.48
C PRO C 337 -26.69 13.66 -6.66
N PHE C 338 -27.71 14.27 -7.24
CA PHE C 338 -27.51 15.05 -8.45
C PHE C 338 -26.56 16.22 -8.24
N GLU C 339 -26.57 16.79 -7.03
CA GLU C 339 -25.67 17.91 -6.75
C GLU C 339 -24.21 17.49 -6.87
N THR C 340 -23.88 16.29 -6.39
CA THR C 340 -22.52 15.78 -6.54
C THR C 340 -22.19 15.51 -8.00
N ILE C 341 -23.15 15.00 -8.77
CA ILE C 341 -22.91 14.71 -10.17
C ILE C 341 -22.62 15.98 -10.94
N TYR C 342 -23.36 17.06 -10.66
CA TYR C 342 -23.21 18.30 -11.41
C TYR C 342 -21.83 18.92 -11.25
N THR C 343 -21.10 18.59 -10.18
CA THR C 343 -19.81 19.22 -9.93
C THR C 343 -18.68 18.60 -10.75
N GLY C 344 -18.94 17.50 -11.46
CA GLY C 344 -17.89 16.88 -12.23
C GLY C 344 -16.86 16.11 -11.42
N LEU C 345 -17.11 15.90 -10.14
CA LEU C 345 -16.18 15.16 -9.29
C LEU C 345 -16.23 13.66 -9.54
N TRP C 346 -17.19 13.20 -10.33
CA TRP C 346 -17.29 11.79 -10.69
C TRP C 346 -16.71 11.50 -12.06
N SER C 347 -16.21 12.50 -12.78
CA SER C 347 -15.87 12.35 -14.18
C SER C 347 -14.40 12.54 -14.50
N TYR C 348 -13.67 13.36 -13.74
CA TYR C 348 -12.33 13.76 -14.18
C TYR C 348 -11.35 12.58 -14.16
N ASN C 349 -11.46 11.71 -13.17
CA ASN C 349 -10.64 10.50 -13.16
C ASN C 349 -10.95 9.65 -14.39
N CYS C 350 -12.23 9.51 -14.73
CA CYS C 350 -12.59 8.78 -15.93
C CYS C 350 -12.12 9.48 -17.20
N VAL C 351 -12.11 10.82 -17.21
CA VAL C 351 -11.56 11.55 -18.34
C VAL C 351 -10.11 11.15 -18.55
N LEU C 352 -9.31 11.19 -17.48
CA LEU C 352 -7.90 10.85 -17.62
C LEU C 352 -7.70 9.40 -18.02
N SER C 353 -8.48 8.49 -17.43
CA SER C 353 -8.34 7.07 -17.76
C SER C 353 -8.71 6.80 -19.22
N CYS C 354 -9.79 7.42 -19.70
CA CYS C 354 -10.20 7.22 -21.09
C CYS C 354 -9.18 7.80 -22.05
N ILE C 355 -8.58 8.94 -21.70
CA ILE C 355 -7.52 9.49 -22.54
C ILE C 355 -6.33 8.54 -22.58
N ALA C 356 -5.91 8.04 -21.42
CA ALA C 356 -4.70 7.24 -21.35
C ALA C 356 -4.87 5.90 -22.07
N ILE C 357 -5.93 5.17 -21.75
CA ILE C 357 -6.10 3.84 -22.32
C ILE C 357 -6.52 3.92 -23.79
N GLY C 358 -7.36 4.90 -24.12
CA GLY C 358 -7.89 5.00 -25.46
C GLY C 358 -7.03 5.78 -26.43
N GLY C 359 -5.88 5.21 -26.81
CA GLY C 359 -5.04 5.77 -27.85
C GLY C 359 -3.72 6.31 -27.37
N MET C 360 -3.56 6.60 -26.09
CA MET C 360 -2.32 7.24 -25.62
C MET C 360 -1.25 6.21 -25.34
N PHE C 361 -1.53 5.26 -24.45
CA PHE C 361 -0.59 4.21 -24.12
C PHE C 361 -0.96 2.86 -24.71
N TYR C 362 -2.14 2.74 -25.30
CA TYR C 362 -2.50 1.65 -26.18
C TYR C 362 -2.73 2.20 -27.57
N ALA C 363 -2.56 1.35 -28.57
CA ALA C 363 -2.85 1.76 -29.94
C ALA C 363 -4.37 1.84 -30.13
N LEU C 364 -4.84 2.94 -30.70
CA LEU C 364 -6.28 3.16 -30.79
C LEU C 364 -6.87 2.22 -31.83
N THR C 365 -7.52 1.16 -31.35
CA THR C 365 -8.38 0.31 -32.15
C THR C 365 -9.74 0.25 -31.47
N TRP C 366 -10.71 -0.39 -32.11
CA TRP C 366 -12.02 -0.49 -31.49
C TRP C 366 -11.97 -1.35 -30.23
N GLN C 367 -11.13 -2.39 -30.23
CA GLN C 367 -10.92 -3.16 -29.01
C GLN C 367 -10.31 -2.28 -27.92
N THR C 368 -9.33 -1.45 -28.29
CA THR C 368 -8.73 -0.56 -27.30
C THR C 368 -9.69 0.53 -26.86
N HIS C 369 -10.58 0.99 -27.75
CA HIS C 369 -11.60 1.93 -27.34
C HIS C 369 -12.57 1.30 -26.34
N LEU C 370 -12.98 0.06 -26.58
CA LEU C 370 -13.82 -0.63 -25.60
C LEU C 370 -13.09 -0.81 -24.28
N LEU C 371 -11.80 -1.16 -24.34
CA LEU C 371 -11.01 -1.28 -23.13
C LEU C 371 -10.94 0.05 -22.40
N ALA C 372 -10.87 1.16 -23.13
CA ALA C 372 -10.87 2.48 -22.52
C ALA C 372 -12.20 2.75 -21.82
N LEU C 373 -13.30 2.39 -22.46
CA LEU C 373 -14.61 2.57 -21.81
C LEU C 373 -14.71 1.77 -20.53
N ILE C 374 -14.27 0.51 -20.56
CA ILE C 374 -14.35 -0.34 -19.38
C ILE C 374 -13.42 0.19 -18.29
N CYS C 375 -12.23 0.66 -18.67
CA CYS C 375 -11.30 1.22 -17.71
C CYS C 375 -11.87 2.49 -17.08
N ALA C 376 -12.55 3.31 -17.87
CA ALA C 376 -13.15 4.53 -17.32
C ALA C 376 -14.29 4.19 -16.36
N LEU C 377 -15.09 3.18 -16.67
CA LEU C 377 -16.16 2.78 -15.75
C LEU C 377 -15.58 2.25 -14.44
N PHE C 378 -14.60 1.35 -14.54
CA PHE C 378 -13.96 0.82 -13.34
C PHE C 378 -13.27 1.93 -12.57
N CYS C 379 -12.72 2.92 -13.27
CA CYS C 379 -12.09 4.06 -12.62
C CYS C 379 -13.12 4.90 -11.87
N ALA C 380 -14.31 5.08 -12.45
CA ALA C 380 -15.35 5.83 -11.75
C ALA C 380 -15.74 5.13 -10.44
N TYR C 381 -15.92 3.82 -10.49
CA TYR C 381 -16.30 3.11 -9.28
C TYR C 381 -15.16 3.07 -8.26
N MET C 382 -13.93 2.87 -8.73
CA MET C 382 -12.78 2.91 -7.84
C MET C 382 -12.59 4.30 -7.25
N GLU C 383 -12.96 5.35 -7.99
CA GLU C 383 -12.89 6.71 -7.48
C GLU C 383 -13.92 6.93 -6.39
N ALA C 384 -15.13 6.40 -6.57
CA ALA C 384 -16.11 6.46 -5.48
C ALA C 384 -15.57 5.77 -4.24
N ALA C 385 -14.98 4.58 -4.42
CA ALA C 385 -14.43 3.84 -3.28
C ALA C 385 -13.33 4.62 -2.59
N ILE C 386 -12.39 5.16 -3.37
CA ILE C 386 -11.24 5.84 -2.80
C ILE C 386 -11.66 7.13 -2.12
N SER C 387 -12.61 7.85 -2.71
CA SER C 387 -13.12 9.06 -2.08
C SER C 387 -13.78 8.74 -0.75
N ASN C 388 -14.60 7.69 -0.71
CA ASN C 388 -15.23 7.31 0.55
C ASN C 388 -14.19 6.91 1.59
N ILE C 389 -13.19 6.14 1.18
CA ILE C 389 -12.17 5.68 2.13
C ILE C 389 -11.37 6.86 2.68
N MET C 390 -10.96 7.77 1.80
CA MET C 390 -10.07 8.84 2.20
C MET C 390 -10.80 10.00 2.86
N SER C 391 -12.13 10.08 2.74
CA SER C 391 -12.87 11.07 3.50
C SER C 391 -12.86 10.77 4.99
N VAL C 392 -12.57 9.52 5.37
CA VAL C 392 -12.50 9.18 6.79
C VAL C 392 -11.31 9.87 7.45
N VAL C 393 -10.20 10.02 6.73
CA VAL C 393 -9.04 10.72 7.26
C VAL C 393 -9.08 12.18 6.80
N GLY C 394 -10.16 12.57 6.16
CA GLY C 394 -10.36 13.96 5.79
C GLY C 394 -9.56 14.44 4.61
N VAL C 395 -9.22 13.56 3.68
CA VAL C 395 -8.38 13.93 2.54
C VAL C 395 -9.18 13.76 1.25
N PRO C 396 -9.02 14.68 0.28
CA PRO C 396 -9.72 14.51 -0.99
C PRO C 396 -9.19 13.32 -1.76
N PRO C 397 -9.99 12.71 -2.63
CA PRO C 397 -9.53 11.52 -3.36
C PRO C 397 -8.40 11.79 -4.34
N GLY C 398 -8.29 13.01 -4.89
CA GLY C 398 -7.27 13.26 -5.88
C GLY C 398 -7.53 12.47 -7.15
N THR C 399 -6.44 12.02 -7.77
CA THR C 399 -6.50 11.19 -8.96
C THR C 399 -5.88 9.82 -8.69
N TRP C 400 -6.06 9.30 -7.48
CA TRP C 400 -5.56 7.96 -7.16
C TRP C 400 -6.23 6.92 -8.03
N ALA C 401 -7.54 7.04 -8.23
CA ALA C 401 -8.29 6.05 -8.99
C ALA C 401 -7.80 5.96 -10.43
N PHE C 402 -7.57 7.12 -11.06
CA PHE C 402 -7.07 7.11 -12.43
C PHE C 402 -5.73 6.41 -12.52
N CYS C 403 -4.82 6.73 -11.61
CA CYS C 403 -3.49 6.12 -11.63
C CYS C 403 -3.59 4.61 -11.46
N LEU C 404 -4.36 4.16 -10.46
CA LEU C 404 -4.45 2.73 -10.18
C LEU C 404 -5.14 1.99 -11.32
N ALA C 405 -6.25 2.52 -11.82
CA ALA C 405 -6.98 1.84 -12.88
C ALA C 405 -6.16 1.78 -14.17
N THR C 406 -5.49 2.88 -14.52
CA THR C 406 -4.67 2.89 -15.73
C THR C 406 -3.48 1.95 -15.60
N ILE C 407 -2.85 1.90 -14.42
CA ILE C 407 -1.75 0.97 -14.22
C ILE C 407 -2.23 -0.47 -14.33
N ILE C 408 -3.41 -0.75 -13.77
CA ILE C 408 -3.97 -2.10 -13.85
C ILE C 408 -4.25 -2.48 -15.29
N PHE C 409 -4.84 -1.56 -16.07
CA PHE C 409 -5.18 -1.89 -17.45
C PHE C 409 -3.98 -1.85 -18.38
N LEU C 410 -2.87 -1.23 -17.96
CA LEU C 410 -1.64 -1.34 -18.74
C LEU C 410 -0.90 -2.63 -18.42
N LEU C 411 -0.93 -3.06 -17.16
CA LEU C 411 -0.32 -4.33 -16.78
C LEU C 411 -1.12 -5.53 -17.27
N LEU C 412 -2.35 -5.33 -17.72
CA LEU C 412 -3.15 -6.42 -18.25
C LEU C 412 -2.50 -6.99 -19.50
N THR C 413 -2.39 -8.31 -19.56
CA THR C 413 -1.80 -9.01 -20.69
C THR C 413 -2.88 -9.84 -21.38
N THR C 414 -3.07 -9.60 -22.67
CA THR C 414 -3.99 -10.37 -23.48
C THR C 414 -3.23 -10.92 -24.69
N ASN C 415 -3.78 -11.99 -25.27
CA ASN C 415 -3.24 -12.52 -26.51
C ASN C 415 -3.79 -11.81 -27.74
N ASN C 416 -4.63 -10.80 -27.56
CA ASN C 416 -5.20 -10.07 -28.68
C ASN C 416 -4.14 -9.22 -29.35
N PRO C 417 -3.91 -9.39 -30.65
CA PRO C 417 -2.96 -8.51 -31.35
C PRO C 417 -3.46 -7.10 -31.52
N ALA C 418 -4.77 -6.88 -31.48
CA ALA C 418 -5.32 -5.54 -31.67
C ALA C 418 -5.22 -4.68 -30.41
N ILE C 419 -4.96 -5.28 -29.26
CA ILE C 419 -4.73 -4.54 -28.02
C ILE C 419 -3.22 -4.45 -27.87
N PHE C 420 -2.64 -3.39 -28.43
CA PHE C 420 -1.20 -3.24 -28.53
C PHE C 420 -0.73 -2.14 -27.60
N ARG C 421 0.15 -2.49 -26.67
CA ARG C 421 0.75 -1.52 -25.76
C ARG C 421 2.02 -0.97 -26.39
N LEU C 422 2.00 0.32 -26.71
CA LEU C 422 3.16 0.93 -27.33
C LEU C 422 4.31 1.04 -26.33
N PRO C 423 5.56 0.95 -26.79
CA PRO C 423 6.69 1.25 -25.92
C PRO C 423 6.62 2.69 -25.45
N LEU C 424 7.07 2.92 -24.21
CA LEU C 424 6.93 4.24 -23.61
C LEU C 424 7.65 5.31 -24.42
N SER C 425 8.74 4.95 -25.08
CA SER C 425 9.49 5.92 -25.87
C SER C 425 8.80 6.29 -27.18
N LYS C 426 7.88 5.46 -27.65
CA LYS C 426 7.17 5.72 -28.90
C LYS C 426 5.85 6.44 -28.70
N VAL C 427 5.48 6.77 -27.47
CA VAL C 427 4.17 7.34 -27.16
C VAL C 427 4.26 8.85 -27.33
N THR C 428 3.58 9.37 -28.36
CA THR C 428 3.48 10.82 -28.55
C THR C 428 2.05 11.31 -28.42
N TYR C 429 1.14 10.81 -29.25
CA TYR C 429 -0.27 11.18 -29.19
C TYR C 429 -1.05 10.18 -30.06
N PRO C 430 -2.37 10.05 -29.83
CA PRO C 430 -3.11 8.92 -30.42
C PRO C 430 -2.99 8.77 -31.93
N GLU C 431 -2.97 9.86 -32.69
CA GLU C 431 -2.84 9.74 -34.14
C GLU C 431 -1.49 9.14 -34.53
N ALA C 432 -0.41 9.70 -33.99
CA ALA C 432 0.92 9.16 -34.27
C ALA C 432 1.06 7.75 -33.72
N ASN C 433 0.46 7.48 -32.56
CA ASN C 433 0.52 6.14 -31.99
C ASN C 433 -0.17 5.12 -32.88
N ARG C 434 -1.33 5.50 -33.43
CA ARG C 434 -2.02 4.60 -34.35
C ARG C 434 -1.21 4.38 -35.62
N ILE C 435 -0.58 5.44 -36.14
CA ILE C 435 0.24 5.27 -37.34
C ILE C 435 1.41 4.33 -37.05
N TYR C 436 2.07 4.51 -35.91
CA TYR C 436 3.18 3.63 -35.54
C TYR C 436 2.71 2.19 -35.40
N TYR C 437 1.55 1.99 -34.79
CA TYR C 437 1.01 0.64 -34.63
C TYR C 437 0.68 0.01 -35.97
N LEU C 438 0.15 0.80 -36.91
CA LEU C 438 -0.14 0.27 -38.24
C LEU C 438 1.14 -0.13 -38.95
N THR C 439 2.20 0.67 -38.82
CA THR C 439 3.47 0.29 -39.44
C THR C 439 4.05 -0.97 -38.80
N VAL C 440 3.82 -1.17 -37.50
CA VAL C 440 4.34 -2.34 -36.82
C VAL C 440 3.51 -3.57 -37.17
#